data_1RRZ
#
_entry.id   1RRZ
#
_cell.length_a   1.000
_cell.length_b   1.000
_cell.length_c   1.000
_cell.angle_alpha   90.00
_cell.angle_beta   90.00
_cell.angle_gamma   90.00
#
_symmetry.space_group_name_H-M   'P 1'
#
_entity_poly.entity_id   1
_entity_poly.type   'polypeptide(L)'
_entity_poly.pdbx_seq_one_letter_code
;MGSSHHHHHHSSGLVPRGSHMDHSLNSLNNFDFLARSFARMHAEGRPVDILAVTGNMDEEHRTWFCARYAWYCQQMMQAR
ELELEH
;
_entity_poly.pdbx_strand_id   A
#
# COMPACT_ATOMS: atom_id res chain seq x y z
N MET A 21 12.75 5.42 7.84
CA MET A 21 14.18 5.37 8.24
C MET A 21 15.08 5.28 6.99
N ASP A 22 15.05 4.17 6.29
CA ASP A 22 15.90 4.06 5.06
C ASP A 22 15.08 3.51 3.90
N HIS A 23 15.36 3.97 2.70
CA HIS A 23 14.61 3.48 1.50
C HIS A 23 15.06 2.06 1.11
N SER A 24 16.26 1.68 1.45
CA SER A 24 16.74 0.31 1.09
C SER A 24 16.61 -0.66 2.28
N LEU A 25 16.53 -0.17 3.48
CA LEU A 25 16.41 -1.09 4.66
C LEU A 25 14.95 -1.18 5.15
N ASN A 26 14.29 -0.06 5.31
CA ASN A 26 12.88 -0.09 5.81
C ASN A 26 11.89 -0.11 4.64
N SER A 27 12.01 0.81 3.71
CA SER A 27 11.06 0.86 2.56
C SER A 27 11.24 -0.36 1.65
N LEU A 28 12.46 -0.78 1.41
CA LEU A 28 12.69 -1.97 0.53
C LEU A 28 12.16 -3.25 1.19
N ASN A 29 12.47 -3.45 2.45
CA ASN A 29 11.99 -4.69 3.15
C ASN A 29 10.45 -4.73 3.11
N ASN A 30 9.80 -3.62 3.35
CA ASN A 30 8.31 -3.60 3.31
C ASN A 30 7.82 -3.81 1.87
N PHE A 31 8.46 -3.18 0.91
CA PHE A 31 8.04 -3.34 -0.52
C PHE A 31 7.98 -4.83 -0.92
N ASP A 32 8.90 -5.63 -0.44
CA ASP A 32 8.90 -7.08 -0.82
C ASP A 32 7.79 -7.85 -0.08
N PHE A 33 7.82 -7.84 1.23
CA PHE A 33 6.76 -8.58 2.01
C PHE A 33 5.37 -8.02 1.71
N LEU A 34 5.25 -6.72 1.60
CA LEU A 34 3.90 -6.14 1.30
C LEU A 34 3.55 -6.31 -0.18
N ALA A 35 4.51 -6.43 -1.06
CA ALA A 35 4.17 -6.61 -2.51
C ALA A 35 3.16 -7.75 -2.67
N ARG A 36 3.44 -8.89 -2.09
CA ARG A 36 2.49 -10.04 -2.20
C ARG A 36 1.22 -9.77 -1.37
N SER A 37 1.33 -9.02 -0.28
CA SER A 37 0.11 -8.73 0.54
C SER A 37 -0.67 -7.54 -0.06
N PHE A 38 -0.01 -6.69 -0.81
CA PHE A 38 -0.73 -5.52 -1.43
C PHE A 38 -1.83 -6.05 -2.35
N ALA A 39 -1.51 -7.02 -3.18
CA ALA A 39 -2.53 -7.61 -4.09
C ALA A 39 -3.53 -8.46 -3.29
N ARG A 40 -3.06 -9.14 -2.27
CA ARG A 40 -3.98 -9.99 -1.44
C ARG A 40 -4.95 -9.09 -0.66
N MET A 41 -4.44 -8.04 -0.06
CA MET A 41 -5.32 -7.11 0.72
C MET A 41 -6.26 -6.34 -0.24
N HIS A 42 -5.95 -6.31 -1.52
CA HIS A 42 -6.82 -5.59 -2.49
C HIS A 42 -8.19 -6.29 -2.60
N ALA A 43 -8.19 -7.60 -2.64
CA ALA A 43 -9.47 -8.35 -2.73
C ALA A 43 -10.09 -8.54 -1.33
N GLU A 44 -9.27 -8.64 -0.31
CA GLU A 44 -9.80 -8.82 1.08
C GLU A 44 -10.34 -7.49 1.62
N GLY A 45 -9.83 -6.38 1.16
CA GLY A 45 -10.30 -5.05 1.66
C GLY A 45 -9.61 -4.72 2.98
N ARG A 46 -8.33 -5.01 3.08
CA ARG A 46 -7.58 -4.71 4.34
C ARG A 46 -6.68 -3.48 4.14
N PRO A 47 -6.32 -2.84 5.23
CA PRO A 47 -5.46 -1.63 5.16
C PRO A 47 -4.03 -2.01 4.73
N VAL A 48 -3.52 -1.34 3.73
CA VAL A 48 -2.14 -1.62 3.22
C VAL A 48 -1.42 -0.29 3.03
N ASP A 49 -0.24 -0.14 3.57
CA ASP A 49 0.49 1.16 3.43
C ASP A 49 1.03 1.33 2.00
N ILE A 50 0.23 1.85 1.11
CA ILE A 50 0.71 2.06 -0.29
C ILE A 50 1.80 3.12 -0.28
N LEU A 51 1.73 4.06 0.64
CA LEU A 51 2.78 5.13 0.73
C LEU A 51 4.16 4.47 0.77
N ALA A 52 4.31 3.40 1.52
CA ALA A 52 5.61 2.68 1.57
C ALA A 52 6.04 2.33 0.15
N VAL A 53 5.10 1.93 -0.66
CA VAL A 53 5.40 1.56 -2.09
C VAL A 53 5.60 2.83 -2.95
N THR A 54 5.03 3.94 -2.57
CA THR A 54 5.20 5.19 -3.39
C THR A 54 6.52 5.90 -3.05
N GLY A 55 7.13 5.56 -1.93
CA GLY A 55 8.43 6.21 -1.54
C GLY A 55 9.45 6.01 -2.67
N ASN A 56 9.58 4.80 -3.15
CA ASN A 56 10.55 4.53 -4.26
C ASN A 56 9.98 5.05 -5.59
N MET A 57 8.68 4.94 -5.78
CA MET A 57 8.03 5.42 -7.04
C MET A 57 8.51 4.61 -8.25
N ASP A 58 7.67 3.76 -8.78
CA ASP A 58 8.06 2.94 -9.95
C ASP A 58 7.18 3.26 -11.17
N GLU A 59 7.64 2.95 -12.36
CA GLU A 59 6.84 3.24 -13.58
C GLU A 59 5.53 2.44 -13.52
N GLU A 60 5.60 1.20 -13.11
CA GLU A 60 4.37 0.36 -13.01
C GLU A 60 3.52 0.80 -11.80
N HIS A 61 4.15 1.42 -10.82
CA HIS A 61 3.40 1.87 -9.60
C HIS A 61 2.40 2.99 -9.98
N ARG A 62 2.66 3.73 -11.03
CA ARG A 62 1.72 4.83 -11.42
C ARG A 62 0.32 4.25 -11.70
N THR A 63 0.20 3.40 -12.69
CA THR A 63 -1.14 2.79 -12.99
C THR A 63 -1.57 1.88 -11.83
N TRP A 64 -0.62 1.29 -11.14
CA TRP A 64 -0.95 0.41 -9.99
C TRP A 64 -1.69 1.23 -8.92
N PHE A 65 -1.13 2.35 -8.51
CA PHE A 65 -1.83 3.17 -7.47
C PHE A 65 -3.13 3.75 -8.01
N CYS A 66 -3.31 3.86 -9.30
CA CYS A 66 -4.61 4.40 -9.82
C CYS A 66 -5.74 3.52 -9.26
N ALA A 67 -5.68 2.25 -9.52
CA ALA A 67 -6.72 1.30 -8.99
C ALA A 67 -6.51 1.06 -7.48
N ARG A 68 -5.30 1.25 -7.00
CA ARG A 68 -5.03 1.05 -5.54
C ARG A 68 -5.30 2.34 -4.75
N TYR A 69 -5.47 3.44 -5.44
CA TYR A 69 -5.76 4.74 -4.76
C TYR A 69 -7.17 4.68 -4.22
N ALA A 70 -8.10 4.41 -5.11
CA ALA A 70 -9.52 4.30 -4.72
C ALA A 70 -9.72 3.12 -3.79
N TRP A 71 -9.12 2.00 -4.11
CA TRP A 71 -9.25 0.79 -3.24
C TRP A 71 -8.80 1.15 -1.82
N TYR A 72 -7.59 1.61 -1.67
CA TYR A 72 -7.09 2.00 -0.32
C TYR A 72 -7.98 3.08 0.30
N CYS A 73 -8.50 3.97 -0.52
CA CYS A 73 -9.37 5.06 0.00
C CYS A 73 -10.65 4.48 0.64
N GLN A 74 -11.28 3.53 0.00
CA GLN A 74 -12.54 2.95 0.59
C GLN A 74 -12.25 1.86 1.64
N GLN A 75 -11.19 1.09 1.48
CA GLN A 75 -10.90 0.01 2.49
C GLN A 75 -10.23 0.59 3.74
N MET A 76 -9.35 1.56 3.61
CA MET A 76 -8.69 2.12 4.83
C MET A 76 -9.66 2.97 5.64
N MET A 77 -10.49 3.76 4.98
CA MET A 77 -11.48 4.58 5.74
C MET A 77 -12.44 3.65 6.49
N GLN A 78 -12.67 2.47 5.95
CA GLN A 78 -13.56 1.47 6.64
C GLN A 78 -12.73 0.55 7.54
N ALA A 79 -11.42 0.61 7.43
CA ALA A 79 -10.53 -0.26 8.26
C ALA A 79 -10.07 0.49 9.52
N ARG A 80 -9.98 1.80 9.44
CA ARG A 80 -9.53 2.60 10.61
C ARG A 80 -10.48 2.41 11.80
N GLU A 81 -10.06 1.65 12.78
CA GLU A 81 -10.92 1.40 13.98
C GLU A 81 -10.04 0.94 15.14
N LEU A 82 -9.34 -0.16 14.96
CA LEU A 82 -8.44 -0.68 16.04
C LEU A 82 -6.98 -0.53 15.61
N GLU A 83 -6.67 -0.91 14.39
CA GLU A 83 -5.27 -0.79 13.89
C GLU A 83 -5.20 0.16 12.69
N LEU A 84 -4.05 0.74 12.44
CA LEU A 84 -3.93 1.68 11.28
C LEU A 84 -3.71 0.91 9.97
N GLU A 85 -2.63 0.16 9.89
CA GLU A 85 -2.36 -0.61 8.63
C GLU A 85 -1.98 -2.06 8.97
N HIS A 86 -0.87 -2.25 9.64
CA HIS A 86 -0.44 -3.64 10.00
C HIS A 86 0.58 -3.63 11.16
N MET A 21 7.48 9.62 1.97
CA MET A 21 8.72 9.45 2.79
C MET A 21 9.06 7.96 2.94
N ASP A 22 10.20 7.55 2.48
CA ASP A 22 10.59 6.11 2.58
C ASP A 22 12.10 5.96 2.83
N HIS A 23 12.52 4.82 3.31
CA HIS A 23 13.97 4.59 3.57
C HIS A 23 14.61 3.83 2.40
N SER A 24 15.88 3.51 2.50
CA SER A 24 16.56 2.75 1.41
C SER A 24 16.45 1.24 1.66
N LEU A 25 16.90 0.80 2.82
CA LEU A 25 16.82 -0.67 3.14
C LEU A 25 15.51 -1.01 3.84
N ASN A 26 14.89 -0.04 4.51
CA ASN A 26 13.61 -0.31 5.22
C ASN A 26 12.45 -0.43 4.21
N SER A 27 12.37 0.49 3.27
CA SER A 27 11.28 0.44 2.26
C SER A 27 11.46 -0.76 1.33
N LEU A 28 12.68 -1.15 1.06
CA LEU A 28 12.92 -2.32 0.14
C LEU A 28 12.40 -3.61 0.79
N ASN A 29 12.78 -3.87 2.02
CA ASN A 29 12.30 -5.11 2.71
C ASN A 29 10.77 -5.08 2.87
N ASN A 30 10.21 -3.95 3.22
CA ASN A 30 8.74 -3.85 3.38
C ASN A 30 8.05 -4.06 2.02
N PHE A 31 8.57 -3.45 0.98
CA PHE A 31 7.95 -3.61 -0.37
C PHE A 31 7.91 -5.08 -0.79
N ASP A 32 8.91 -5.86 -0.45
CA ASP A 32 8.92 -7.30 -0.84
C ASP A 32 7.80 -8.08 -0.13
N PHE A 33 7.80 -8.09 1.18
CA PHE A 33 6.74 -8.84 1.93
C PHE A 33 5.36 -8.22 1.68
N LEU A 34 5.27 -6.93 1.58
CA LEU A 34 3.94 -6.30 1.32
C LEU A 34 3.55 -6.46 -0.15
N ALA A 35 4.51 -6.53 -1.06
CA ALA A 35 4.15 -6.68 -2.51
C ALA A 35 3.13 -7.82 -2.69
N ARG A 36 3.42 -8.98 -2.15
CA ARG A 36 2.47 -10.13 -2.27
C ARG A 36 1.21 -9.86 -1.43
N SER A 37 1.33 -9.15 -0.33
CA SER A 37 0.13 -8.86 0.51
C SER A 37 -0.67 -7.69 -0.07
N PHE A 38 0.00 -6.74 -0.70
CA PHE A 38 -0.73 -5.56 -1.29
C PHE A 38 -1.83 -6.06 -2.23
N ALA A 39 -1.47 -6.88 -3.20
CA ALA A 39 -2.50 -7.42 -4.15
C ALA A 39 -3.51 -8.29 -3.40
N ARG A 40 -3.07 -9.03 -2.40
CA ARG A 40 -4.00 -9.90 -1.61
C ARG A 40 -4.93 -9.04 -0.75
N MET A 41 -4.45 -7.93 -0.23
CA MET A 41 -5.30 -7.05 0.63
C MET A 41 -6.39 -6.36 -0.21
N HIS A 42 -6.21 -6.28 -1.51
CA HIS A 42 -7.23 -5.63 -2.40
C HIS A 42 -8.59 -6.34 -2.26
N ALA A 43 -8.59 -7.64 -2.22
CA ALA A 43 -9.88 -8.40 -2.09
C ALA A 43 -10.37 -8.43 -0.64
N GLU A 44 -9.46 -8.43 0.31
CA GLU A 44 -9.88 -8.47 1.76
C GLU A 44 -10.39 -7.09 2.22
N GLY A 45 -9.93 -6.02 1.61
CA GLY A 45 -10.38 -4.66 2.01
C GLY A 45 -9.64 -4.23 3.28
N ARG A 46 -8.36 -4.52 3.37
CA ARG A 46 -7.57 -4.13 4.57
C ARG A 46 -6.68 -2.91 4.25
N PRO A 47 -6.36 -2.14 5.27
CA PRO A 47 -5.52 -0.94 5.07
C PRO A 47 -4.07 -1.34 4.84
N VAL A 48 -3.55 -1.01 3.68
CA VAL A 48 -2.13 -1.35 3.34
C VAL A 48 -1.36 -0.05 3.11
N ASP A 49 -0.20 0.10 3.72
CA ASP A 49 0.57 1.36 3.53
C ASP A 49 1.11 1.48 2.10
N ILE A 50 0.31 2.02 1.20
CA ILE A 50 0.77 2.18 -0.20
C ILE A 50 1.92 3.19 -0.25
N LEU A 51 1.94 4.13 0.66
CA LEU A 51 3.06 5.14 0.68
C LEU A 51 4.39 4.39 0.67
N ALA A 52 4.49 3.32 1.44
CA ALA A 52 5.74 2.52 1.45
C ALA A 52 6.08 2.11 0.00
N VAL A 53 5.06 1.78 -0.76
CA VAL A 53 5.27 1.36 -2.18
C VAL A 53 5.48 2.57 -3.12
N THR A 54 5.03 3.73 -2.74
CA THR A 54 5.19 4.93 -3.64
C THR A 54 6.61 5.50 -3.56
N GLY A 55 7.28 5.30 -2.44
CA GLY A 55 8.67 5.84 -2.31
C GLY A 55 9.64 4.95 -3.10
N ASN A 56 9.47 3.65 -3.04
CA ASN A 56 10.39 2.73 -3.78
C ASN A 56 9.95 2.62 -5.26
N MET A 57 8.69 2.34 -5.50
CA MET A 57 8.21 2.21 -6.92
C MET A 57 7.56 3.52 -7.38
N ASP A 58 7.75 3.89 -8.63
CA ASP A 58 7.15 5.15 -9.15
C ASP A 58 6.75 4.99 -10.63
N GLU A 59 7.67 4.58 -11.48
CA GLU A 59 7.34 4.40 -12.93
C GLU A 59 6.16 3.42 -13.07
N GLU A 60 6.31 2.22 -12.57
CA GLU A 60 5.20 1.23 -12.65
C GLU A 60 4.16 1.53 -11.54
N HIS A 61 4.56 2.27 -10.53
CA HIS A 61 3.63 2.62 -9.42
C HIS A 61 2.48 3.52 -9.90
N ARG A 62 2.68 4.23 -10.99
CA ARG A 62 1.59 5.13 -11.50
C ARG A 62 0.31 4.34 -11.76
N THR A 63 0.34 3.36 -12.63
CA THR A 63 -0.89 2.55 -12.89
C THR A 63 -1.23 1.68 -11.68
N TRP A 64 -0.25 1.29 -10.91
CA TRP A 64 -0.52 0.46 -9.70
C TRP A 64 -1.34 1.26 -8.69
N PHE A 65 -0.88 2.43 -8.31
CA PHE A 65 -1.66 3.24 -7.32
C PHE A 65 -2.99 3.70 -7.92
N CYS A 66 -3.13 3.74 -9.22
CA CYS A 66 -4.44 4.17 -9.79
C CYS A 66 -5.55 3.25 -9.25
N ALA A 67 -5.42 1.96 -9.48
CA ALA A 67 -6.43 0.99 -8.95
C ALA A 67 -6.27 0.80 -7.45
N ARG A 68 -5.11 1.10 -6.90
CA ARG A 68 -4.89 0.93 -5.43
C ARG A 68 -5.26 2.22 -4.67
N TYR A 69 -5.39 3.32 -5.38
CA TYR A 69 -5.76 4.62 -4.73
C TYR A 69 -7.20 4.50 -4.28
N ALA A 70 -8.06 4.15 -5.19
CA ALA A 70 -9.50 3.98 -4.90
C ALA A 70 -9.70 2.83 -3.90
N TRP A 71 -9.03 1.72 -4.14
CA TRP A 71 -9.17 0.55 -3.22
C TRP A 71 -8.78 0.97 -1.81
N TYR A 72 -7.62 1.55 -1.64
CA TYR A 72 -7.19 1.99 -0.28
C TYR A 72 -8.16 3.06 0.25
N CYS A 73 -8.70 3.86 -0.63
CA CYS A 73 -9.66 4.93 -0.20
C CYS A 73 -10.95 4.31 0.34
N GLN A 74 -11.53 3.37 -0.38
CA GLN A 74 -12.81 2.74 0.10
C GLN A 74 -12.54 1.72 1.22
N GLN A 75 -11.40 1.07 1.24
CA GLN A 75 -11.12 0.07 2.31
C GLN A 75 -10.75 0.79 3.63
N MET A 76 -10.13 1.95 3.54
CA MET A 76 -9.76 2.69 4.80
C MET A 76 -11.04 3.15 5.49
N MET A 77 -12.03 3.57 4.73
CA MET A 77 -13.32 4.02 5.33
C MET A 77 -13.98 2.85 6.06
N GLN A 78 -13.93 1.67 5.49
CA GLN A 78 -14.54 0.48 6.16
C GLN A 78 -13.60 -0.11 7.23
N ALA A 79 -12.36 0.35 7.26
CA ALA A 79 -11.40 -0.17 8.29
C ALA A 79 -11.49 0.66 9.58
N ARG A 80 -12.15 1.80 9.53
CA ARG A 80 -12.27 2.66 10.74
C ARG A 80 -13.73 2.83 11.14
N GLU A 81 -14.60 3.09 10.20
CA GLU A 81 -16.05 3.28 10.53
C GLU A 81 -16.73 1.93 10.81
N LEU A 82 -17.05 1.17 9.79
CA LEU A 82 -17.73 -0.15 10.00
C LEU A 82 -17.38 -1.13 8.87
N GLU A 83 -17.84 -2.36 8.98
CA GLU A 83 -17.57 -3.40 7.93
C GLU A 83 -16.06 -3.58 7.71
N LEU A 84 -15.40 -4.19 8.67
CA LEU A 84 -13.91 -4.41 8.55
C LEU A 84 -13.57 -5.21 7.28
N GLU A 85 -14.17 -6.35 7.11
CA GLU A 85 -13.88 -7.19 5.90
C GLU A 85 -15.04 -7.10 4.90
N HIS A 86 -16.25 -7.18 5.37
CA HIS A 86 -17.43 -7.10 4.46
C HIS A 86 -18.41 -6.03 4.94
N MET A 21 6.31 7.78 5.66
CA MET A 21 7.77 7.62 5.92
C MET A 21 8.35 6.53 5.01
N ASP A 22 9.48 6.81 4.39
CA ASP A 22 10.10 5.81 3.48
C ASP A 22 11.62 5.75 3.69
N HIS A 23 12.17 4.57 3.83
CA HIS A 23 13.64 4.41 4.04
C HIS A 23 14.30 3.71 2.85
N SER A 24 15.59 3.52 2.91
CA SER A 24 16.30 2.83 1.77
C SER A 24 16.30 1.31 1.98
N LEU A 25 16.57 0.85 3.17
CA LEU A 25 16.58 -0.62 3.44
C LEU A 25 15.23 -1.06 4.05
N ASN A 26 14.68 -0.26 4.92
CA ASN A 26 13.38 -0.61 5.56
C ASN A 26 12.26 -0.68 4.52
N SER A 27 12.19 0.27 3.62
CA SER A 27 11.13 0.25 2.58
C SER A 27 11.37 -0.91 1.59
N LEU A 28 12.61 -1.22 1.29
CA LEU A 28 12.90 -2.34 0.34
C LEU A 28 12.35 -3.65 0.90
N ASN A 29 12.62 -3.94 2.15
CA ASN A 29 12.09 -5.19 2.77
C ASN A 29 10.57 -5.15 2.83
N ASN A 30 10.00 -4.00 3.14
CA ASN A 30 8.51 -3.89 3.19
C ASN A 30 7.91 -4.04 1.78
N PHE A 31 8.50 -3.42 0.80
CA PHE A 31 7.99 -3.52 -0.60
C PHE A 31 7.91 -4.98 -1.05
N ASP A 32 8.87 -5.79 -0.68
CA ASP A 32 8.85 -7.23 -1.12
C ASP A 32 7.75 -8.01 -0.38
N PHE A 33 7.77 -8.01 0.94
CA PHE A 33 6.73 -8.76 1.71
C PHE A 33 5.33 -8.16 1.46
N LEU A 34 5.23 -6.86 1.29
CA LEU A 34 3.90 -6.25 1.05
C LEU A 34 3.51 -6.37 -0.42
N ALA A 35 4.45 -6.40 -1.34
CA ALA A 35 4.06 -6.52 -2.79
C ALA A 35 3.06 -7.67 -2.95
N ARG A 36 3.39 -8.83 -2.45
CA ARG A 36 2.44 -10.00 -2.53
C ARG A 36 1.20 -9.74 -1.66
N SER A 37 1.39 -9.14 -0.50
CA SER A 37 0.21 -8.86 0.40
C SER A 37 -0.65 -7.71 -0.15
N PHE A 38 -0.06 -6.76 -0.84
CA PHE A 38 -0.84 -5.62 -1.40
C PHE A 38 -1.97 -6.16 -2.30
N ALA A 39 -1.63 -7.07 -3.18
CA ALA A 39 -2.66 -7.68 -4.08
C ALA A 39 -3.66 -8.52 -3.25
N ARG A 40 -3.17 -9.21 -2.24
CA ARG A 40 -4.07 -10.04 -1.39
C ARG A 40 -5.01 -9.12 -0.57
N MET A 41 -4.50 -8.01 -0.12
CA MET A 41 -5.35 -7.06 0.67
C MET A 41 -6.42 -6.41 -0.24
N HIS A 42 -6.20 -6.39 -1.54
CA HIS A 42 -7.19 -5.78 -2.46
C HIS A 42 -8.55 -6.49 -2.36
N ALA A 43 -8.55 -7.80 -2.31
CA ALA A 43 -9.84 -8.55 -2.20
C ALA A 43 -10.31 -8.61 -0.74
N GLU A 44 -9.39 -8.64 0.20
CA GLU A 44 -9.77 -8.70 1.65
C GLU A 44 -10.32 -7.35 2.13
N GLY A 45 -9.91 -6.26 1.52
CA GLY A 45 -10.40 -4.92 1.95
C GLY A 45 -9.69 -4.50 3.24
N ARG A 46 -8.43 -4.85 3.39
CA ARG A 46 -7.67 -4.47 4.62
C ARG A 46 -6.76 -3.27 4.34
N PRO A 47 -6.36 -2.59 5.39
CA PRO A 47 -5.48 -1.41 5.24
C PRO A 47 -4.07 -1.84 4.83
N VAL A 48 -3.54 -1.21 3.81
CA VAL A 48 -2.17 -1.54 3.31
C VAL A 48 -1.40 -0.23 3.10
N ASP A 49 -0.24 -0.11 3.68
CA ASP A 49 0.53 1.17 3.52
C ASP A 49 1.04 1.32 2.08
N ILE A 50 0.23 1.88 1.21
CA ILE A 50 0.70 2.07 -0.20
C ILE A 50 1.82 3.11 -0.19
N LEU A 51 1.77 4.05 0.74
CA LEU A 51 2.85 5.08 0.82
C LEU A 51 4.22 4.38 0.85
N ALA A 52 4.32 3.29 1.58
CA ALA A 52 5.60 2.54 1.62
C ALA A 52 6.03 2.20 0.19
N VAL A 53 5.07 1.88 -0.65
CA VAL A 53 5.35 1.55 -2.07
C VAL A 53 5.52 2.82 -2.93
N THR A 54 4.97 3.93 -2.51
CA THR A 54 5.08 5.18 -3.32
C THR A 54 6.42 5.90 -3.05
N GLY A 55 6.97 5.73 -1.86
CA GLY A 55 8.28 6.39 -1.54
C GLY A 55 9.34 5.90 -2.53
N ASN A 56 9.30 4.65 -2.89
CA ASN A 56 10.30 4.11 -3.87
C ASN A 56 10.05 4.72 -5.26
N MET A 57 8.81 5.02 -5.58
CA MET A 57 8.45 5.62 -6.91
C MET A 57 8.83 4.67 -8.05
N ASP A 58 7.88 3.92 -8.55
CA ASP A 58 8.16 2.98 -9.66
C ASP A 58 7.32 3.33 -10.89
N GLU A 59 7.82 2.99 -12.06
CA GLU A 59 7.05 3.29 -13.31
C GLU A 59 5.70 2.56 -13.29
N GLU A 60 5.72 1.30 -12.91
CA GLU A 60 4.45 0.52 -12.84
C GLU A 60 3.61 0.98 -11.64
N HIS A 61 4.25 1.47 -10.60
CA HIS A 61 3.50 1.94 -9.40
C HIS A 61 2.49 3.05 -9.79
N ARG A 62 2.79 3.84 -10.78
CA ARG A 62 1.84 4.92 -11.20
C ARG A 62 0.50 4.30 -11.58
N THR A 63 0.49 3.38 -12.52
CA THR A 63 -0.79 2.71 -12.92
C THR A 63 -1.27 1.83 -11.76
N TRP A 64 -0.36 1.15 -11.10
CA TRP A 64 -0.75 0.28 -9.96
C TRP A 64 -1.51 1.10 -8.91
N PHE A 65 -1.01 2.27 -8.54
CA PHE A 65 -1.72 3.09 -7.52
C PHE A 65 -3.04 3.64 -8.08
N CYS A 66 -3.20 3.72 -9.37
CA CYS A 66 -4.50 4.23 -9.91
C CYS A 66 -5.64 3.35 -9.35
N ALA A 67 -5.54 2.06 -9.58
CA ALA A 67 -6.57 1.12 -9.04
C ALA A 67 -6.38 0.92 -7.53
N ARG A 68 -5.18 1.16 -7.02
CA ARG A 68 -4.93 0.99 -5.55
C ARG A 68 -5.23 2.30 -4.81
N TYR A 69 -5.42 3.38 -5.52
CA TYR A 69 -5.74 4.69 -4.88
C TYR A 69 -7.17 4.62 -4.37
N ALA A 70 -8.06 4.31 -5.26
CA ALA A 70 -9.50 4.19 -4.88
C ALA A 70 -9.69 3.02 -3.92
N TRP A 71 -9.11 1.90 -4.24
CA TRP A 71 -9.24 0.71 -3.34
C TRP A 71 -8.80 1.08 -1.93
N TYR A 72 -7.59 1.58 -1.79
CA TYR A 72 -7.10 1.99 -0.43
C TYR A 72 -8.00 3.08 0.14
N CYS A 73 -8.48 3.97 -0.68
CA CYS A 73 -9.36 5.07 -0.18
C CYS A 73 -10.62 4.52 0.50
N GLN A 74 -11.31 3.59 -0.13
CA GLN A 74 -12.56 3.04 0.49
C GLN A 74 -12.25 2.00 1.61
N GLN A 75 -11.24 1.18 1.45
CA GLN A 75 -10.94 0.16 2.50
C GLN A 75 -10.34 0.82 3.75
N MET A 76 -9.53 1.85 3.60
CA MET A 76 -8.95 2.52 4.81
C MET A 76 -10.03 3.35 5.51
N MET A 77 -11.00 3.85 4.77
CA MET A 77 -12.10 4.64 5.42
C MET A 77 -12.86 3.73 6.39
N GLN A 78 -12.94 2.46 6.07
CA GLN A 78 -13.64 1.49 6.97
C GLN A 78 -12.64 0.78 7.89
N ALA A 79 -11.35 0.88 7.60
CA ALA A 79 -10.32 0.23 8.46
C ALA A 79 -9.83 1.26 9.50
N ARG A 80 -9.50 2.44 9.05
CA ARG A 80 -9.03 3.54 9.96
C ARG A 80 -7.60 3.27 10.47
N GLU A 81 -7.30 2.07 10.91
CA GLU A 81 -5.93 1.75 11.38
C GLU A 81 -5.65 0.25 11.22
N LEU A 82 -6.12 -0.57 12.14
CA LEU A 82 -5.91 -2.05 12.06
C LEU A 82 -4.41 -2.40 12.07
N GLU A 83 -3.71 -2.20 10.97
CA GLU A 83 -2.25 -2.52 10.92
C GLU A 83 -1.48 -1.45 10.15
N LEU A 84 -0.21 -1.28 10.45
CA LEU A 84 0.62 -0.26 9.74
C LEU A 84 1.86 -0.93 9.14
N GLU A 85 2.18 -0.64 7.90
CA GLU A 85 3.39 -1.26 7.27
C GLU A 85 4.30 -0.18 6.67
N HIS A 86 5.18 0.38 7.45
CA HIS A 86 6.12 1.44 6.94
C HIS A 86 5.31 2.61 6.33
N MET A 21 21.58 8.91 3.01
CA MET A 21 20.16 8.55 2.74
C MET A 21 19.60 7.70 3.90
N ASP A 22 18.31 7.78 4.13
CA ASP A 22 17.71 6.99 5.25
C ASP A 22 16.54 6.14 4.75
N HIS A 23 16.13 5.16 5.54
CA HIS A 23 15.00 4.27 5.14
C HIS A 23 15.26 3.62 3.78
N SER A 24 16.46 3.16 3.54
CA SER A 24 16.77 2.51 2.23
C SER A 24 16.44 1.02 2.29
N LEU A 25 16.93 0.33 3.30
CA LEU A 25 16.63 -1.13 3.43
C LEU A 25 15.22 -1.34 4.01
N ASN A 26 14.77 -0.45 4.85
CA ASN A 26 13.41 -0.58 5.45
C ASN A 26 12.32 -0.53 4.37
N SER A 27 12.41 0.41 3.46
CA SER A 27 11.37 0.50 2.38
C SER A 27 11.48 -0.70 1.42
N LEU A 28 12.67 -1.15 1.14
CA LEU A 28 12.84 -2.32 0.22
C LEU A 28 12.28 -3.60 0.86
N ASN A 29 12.67 -3.88 2.09
CA ASN A 29 12.15 -5.11 2.78
C ASN A 29 10.62 -5.05 2.89
N ASN A 30 10.08 -3.91 3.25
CA ASN A 30 8.60 -3.79 3.37
C ASN A 30 7.94 -4.01 2.01
N PHE A 31 8.46 -3.40 0.97
CA PHE A 31 7.86 -3.57 -0.39
C PHE A 31 7.83 -5.04 -0.82
N ASP A 32 8.83 -5.80 -0.45
CA ASP A 32 8.86 -7.25 -0.86
C ASP A 32 7.76 -8.05 -0.12
N PHE A 33 7.78 -8.05 1.19
CA PHE A 33 6.74 -8.82 1.95
C PHE A 33 5.34 -8.23 1.70
N LEU A 34 5.24 -6.92 1.57
CA LEU A 34 3.89 -6.32 1.31
C LEU A 34 3.51 -6.48 -0.16
N ALA A 35 4.46 -6.59 -1.06
CA ALA A 35 4.11 -6.75 -2.51
C ALA A 35 3.08 -7.89 -2.66
N ARG A 36 3.37 -9.05 -2.11
CA ARG A 36 2.40 -10.18 -2.21
C ARG A 36 1.16 -9.91 -1.33
N SER A 37 1.32 -9.20 -0.24
CA SER A 37 0.15 -8.89 0.64
C SER A 37 -0.69 -7.74 0.05
N PHE A 38 -0.06 -6.81 -0.62
CA PHE A 38 -0.81 -5.67 -1.24
C PHE A 38 -1.91 -6.20 -2.15
N ALA A 39 -1.56 -7.11 -3.03
CA ALA A 39 -2.59 -7.70 -3.96
C ALA A 39 -3.63 -8.49 -3.16
N ARG A 40 -3.20 -9.18 -2.12
CA ARG A 40 -4.17 -9.97 -1.28
C ARG A 40 -5.10 -9.02 -0.50
N MET A 41 -4.58 -7.92 -0.03
CA MET A 41 -5.42 -6.94 0.73
C MET A 41 -6.47 -6.32 -0.20
N HIS A 42 -6.24 -6.34 -1.49
CA HIS A 42 -7.23 -5.77 -2.46
C HIS A 42 -8.57 -6.53 -2.37
N ALA A 43 -8.52 -7.83 -2.23
CA ALA A 43 -9.80 -8.61 -2.14
C ALA A 43 -10.34 -8.61 -0.70
N GLU A 44 -9.49 -8.52 0.28
CA GLU A 44 -9.96 -8.53 1.70
C GLU A 44 -10.44 -7.13 2.12
N GLY A 45 -9.90 -6.09 1.53
CA GLY A 45 -10.32 -4.70 1.90
C GLY A 45 -9.66 -4.30 3.23
N ARG A 46 -8.39 -4.59 3.39
CA ARG A 46 -7.68 -4.22 4.65
C ARG A 46 -6.73 -3.04 4.39
N PRO A 47 -6.35 -2.37 5.46
CA PRO A 47 -5.44 -1.20 5.34
C PRO A 47 -4.02 -1.65 4.96
N VAL A 48 -3.46 -1.02 3.95
CA VAL A 48 -2.08 -1.37 3.49
C VAL A 48 -1.29 -0.09 3.27
N ASP A 49 -0.07 -0.01 3.75
CA ASP A 49 0.71 1.25 3.57
C ASP A 49 1.19 1.39 2.12
N ILE A 50 0.36 1.97 1.29
CA ILE A 50 0.77 2.15 -0.13
C ILE A 50 1.92 3.17 -0.19
N LEU A 51 1.99 4.08 0.75
CA LEU A 51 3.11 5.06 0.77
C LEU A 51 4.43 4.31 0.65
N ALA A 52 4.58 3.25 1.41
CA ALA A 52 5.83 2.43 1.33
C ALA A 52 6.09 2.06 -0.13
N VAL A 53 5.04 1.76 -0.86
CA VAL A 53 5.19 1.39 -2.31
C VAL A 53 5.37 2.63 -3.20
N THR A 54 4.85 3.76 -2.80
CA THR A 54 5.00 4.99 -3.65
C THR A 54 6.43 5.56 -3.54
N GLY A 55 7.09 5.35 -2.42
CA GLY A 55 8.48 5.87 -2.26
C GLY A 55 9.47 4.98 -3.01
N ASN A 56 9.20 3.70 -3.11
CA ASN A 56 10.13 2.77 -3.83
C ASN A 56 10.11 3.05 -5.34
N MET A 57 8.98 2.86 -5.99
CA MET A 57 8.91 3.10 -7.45
C MET A 57 7.83 4.15 -7.78
N ASP A 58 7.85 4.69 -8.97
CA ASP A 58 6.83 5.72 -9.35
C ASP A 58 6.34 5.51 -10.79
N GLU A 59 7.23 5.26 -11.72
CA GLU A 59 6.80 5.05 -13.15
C GLU A 59 5.70 3.98 -13.22
N GLU A 60 6.00 2.79 -12.76
CA GLU A 60 4.97 1.70 -12.78
C GLU A 60 3.98 1.91 -11.63
N HIS A 61 4.38 2.63 -10.62
CA HIS A 61 3.48 2.90 -9.46
C HIS A 61 2.25 3.71 -9.91
N ARG A 62 2.39 4.55 -10.91
CA ARG A 62 1.23 5.35 -11.39
C ARG A 62 0.07 4.43 -11.78
N THR A 63 0.37 3.38 -12.51
CA THR A 63 -0.69 2.41 -12.93
C THR A 63 -1.10 1.56 -11.71
N TRP A 64 -0.14 1.04 -10.99
CA TRP A 64 -0.46 0.21 -9.79
C TRP A 64 -1.32 1.02 -8.79
N PHE A 65 -0.90 2.22 -8.45
CA PHE A 65 -1.71 3.03 -7.47
C PHE A 65 -3.04 3.46 -8.09
N CYS A 66 -3.17 3.47 -9.39
CA CYS A 66 -4.49 3.87 -9.99
C CYS A 66 -5.58 2.94 -9.40
N ALA A 67 -5.40 1.66 -9.57
CA ALA A 67 -6.38 0.66 -9.01
C ALA A 67 -6.21 0.55 -7.49
N ARG A 68 -5.04 0.87 -6.97
CA ARG A 68 -4.81 0.79 -5.50
C ARG A 68 -5.22 2.10 -4.81
N TYR A 69 -5.45 3.14 -5.58
CA TYR A 69 -5.87 4.45 -4.99
C TYR A 69 -7.29 4.33 -4.52
N ALA A 70 -8.16 3.95 -5.42
CA ALA A 70 -9.59 3.79 -5.08
C ALA A 70 -9.77 2.66 -4.06
N TRP A 71 -9.12 1.54 -4.29
CA TRP A 71 -9.23 0.40 -3.34
C TRP A 71 -8.82 0.89 -1.94
N TYR A 72 -7.64 1.45 -1.82
CA TYR A 72 -7.19 1.97 -0.50
C TYR A 72 -8.15 3.04 0.00
N CYS A 73 -8.64 3.88 -0.88
CA CYS A 73 -9.57 4.96 -0.47
C CYS A 73 -10.81 4.39 0.23
N GLN A 74 -11.43 3.37 -0.33
CA GLN A 74 -12.65 2.80 0.32
C GLN A 74 -12.31 1.84 1.48
N GLN A 75 -11.27 1.05 1.37
CA GLN A 75 -10.93 0.09 2.48
C GLN A 75 -10.38 0.86 3.71
N MET A 76 -9.57 1.86 3.51
CA MET A 76 -9.03 2.62 4.67
C MET A 76 -10.12 3.54 5.25
N MET A 77 -11.04 4.00 4.44
CA MET A 77 -12.14 4.87 4.95
C MET A 77 -12.88 4.14 6.07
N GLN A 78 -13.06 2.85 5.90
CA GLN A 78 -13.77 2.04 6.94
C GLN A 78 -12.79 1.42 7.94
N ALA A 79 -11.51 1.41 7.63
CA ALA A 79 -10.51 0.81 8.56
C ALA A 79 -9.90 1.92 9.44
N ARG A 80 -9.54 3.02 8.83
CA ARG A 80 -8.93 4.15 9.60
C ARG A 80 -9.99 4.86 10.44
N GLU A 81 -9.91 4.74 11.73
CA GLU A 81 -10.92 5.39 12.63
C GLU A 81 -10.24 6.37 13.60
N LEU A 82 -8.95 6.24 13.84
CA LEU A 82 -8.27 7.17 14.79
C LEU A 82 -7.05 7.84 14.12
N GLU A 83 -6.15 7.07 13.55
CA GLU A 83 -4.94 7.69 12.90
C GLU A 83 -4.97 7.48 11.39
N LEU A 84 -4.62 8.50 10.63
CA LEU A 84 -4.62 8.39 9.14
C LEU A 84 -3.20 8.06 8.62
N GLU A 85 -3.11 7.31 7.55
CA GLU A 85 -1.77 6.96 6.99
C GLU A 85 -1.56 7.67 5.64
N HIS A 86 -2.49 7.53 4.72
CA HIS A 86 -2.34 8.19 3.40
C HIS A 86 -3.47 9.22 3.19
N MET A 21 8.61 4.43 7.08
CA MET A 21 9.47 3.27 6.64
C MET A 21 9.73 3.35 5.13
N ASP A 22 10.18 4.48 4.66
CA ASP A 22 10.47 4.63 3.20
C ASP A 22 11.96 4.96 2.99
N HIS A 23 12.83 4.04 3.31
CA HIS A 23 14.28 4.28 3.11
C HIS A 23 14.85 3.31 2.08
N SER A 24 16.15 3.21 1.98
CA SER A 24 16.78 2.28 0.98
C SER A 24 16.62 0.82 1.43
N LEU A 25 16.83 0.54 2.70
CA LEU A 25 16.70 -0.86 3.20
C LEU A 25 15.31 -1.08 3.86
N ASN A 26 14.78 -0.07 4.48
CA ASN A 26 13.45 -0.21 5.16
C ASN A 26 12.32 -0.38 4.13
N SER A 27 12.27 0.48 3.13
CA SER A 27 11.19 0.38 2.10
C SER A 27 11.38 -0.89 1.24
N LEU A 28 12.61 -1.31 1.02
CA LEU A 28 12.85 -2.52 0.19
C LEU A 28 12.33 -3.77 0.91
N ASN A 29 12.71 -3.97 2.15
CA ASN A 29 12.25 -5.17 2.91
C ASN A 29 10.74 -5.09 3.17
N ASN A 30 10.25 -3.93 3.53
CA ASN A 30 8.79 -3.78 3.81
C ASN A 30 7.98 -3.98 2.51
N PHE A 31 8.37 -3.35 1.44
CA PHE A 31 7.61 -3.50 0.16
C PHE A 31 7.75 -4.92 -0.42
N ASP A 32 8.74 -5.68 0.00
CA ASP A 32 8.90 -7.06 -0.52
C ASP A 32 7.79 -7.97 0.02
N PHE A 33 7.72 -8.11 1.33
CA PHE A 33 6.65 -8.97 1.93
C PHE A 33 5.27 -8.34 1.68
N LEU A 34 5.19 -7.03 1.56
CA LEU A 34 3.88 -6.39 1.30
C LEU A 34 3.55 -6.47 -0.19
N ALA A 35 4.53 -6.45 -1.06
CA ALA A 35 4.24 -6.53 -2.53
C ALA A 35 3.23 -7.64 -2.81
N ARG A 36 3.50 -8.85 -2.35
CA ARG A 36 2.55 -9.97 -2.57
C ARG A 36 1.28 -9.77 -1.71
N SER A 37 1.44 -9.26 -0.51
CA SER A 37 0.25 -9.03 0.38
C SER A 37 -0.59 -7.84 -0.13
N PHE A 38 0.03 -6.85 -0.74
CA PHE A 38 -0.72 -5.66 -1.26
C PHE A 38 -1.82 -6.14 -2.21
N ALA A 39 -1.44 -6.96 -3.17
CA ALA A 39 -2.45 -7.49 -4.15
C ALA A 39 -3.54 -8.28 -3.40
N ARG A 40 -3.16 -9.05 -2.40
CA ARG A 40 -4.17 -9.84 -1.63
C ARG A 40 -5.06 -8.91 -0.79
N MET A 41 -4.50 -7.85 -0.26
CA MET A 41 -5.29 -6.89 0.56
C MET A 41 -6.36 -6.21 -0.31
N HIS A 42 -6.16 -6.16 -1.60
CA HIS A 42 -7.16 -5.51 -2.51
C HIS A 42 -8.52 -6.22 -2.40
N ALA A 43 -8.52 -7.53 -2.36
CA ALA A 43 -9.80 -8.29 -2.25
C ALA A 43 -10.27 -8.35 -0.78
N GLU A 44 -9.33 -8.37 0.15
CA GLU A 44 -9.72 -8.44 1.59
C GLU A 44 -10.27 -7.08 2.08
N GLY A 45 -9.86 -6.00 1.48
CA GLY A 45 -10.34 -4.65 1.90
C GLY A 45 -9.68 -4.25 3.21
N ARG A 46 -8.37 -4.39 3.29
CA ARG A 46 -7.64 -4.01 4.54
C ARG A 46 -6.71 -2.82 4.26
N PRO A 47 -6.37 -2.09 5.30
CA PRO A 47 -5.48 -0.92 5.14
C PRO A 47 -4.03 -1.35 4.91
N VAL A 48 -3.45 -0.91 3.82
CA VAL A 48 -2.05 -1.28 3.48
C VAL A 48 -1.24 0.00 3.28
N ASP A 49 -0.04 0.06 3.79
CA ASP A 49 0.78 1.31 3.63
C ASP A 49 1.24 1.47 2.17
N ILE A 50 0.42 2.08 1.35
CA ILE A 50 0.82 2.29 -0.07
C ILE A 50 1.96 3.31 -0.13
N LEU A 51 2.04 4.21 0.83
CA LEU A 51 3.15 5.21 0.83
C LEU A 51 4.48 4.47 0.67
N ALA A 52 4.63 3.37 1.37
CA ALA A 52 5.87 2.56 1.25
C ALA A 52 6.09 2.19 -0.21
N VAL A 53 5.02 1.87 -0.91
CA VAL A 53 5.10 1.49 -2.35
C VAL A 53 5.33 2.72 -3.26
N THR A 54 4.90 3.88 -2.84
CA THR A 54 5.08 5.09 -3.70
C THR A 54 6.52 5.63 -3.60
N GLY A 55 7.18 5.43 -2.49
CA GLY A 55 8.57 5.93 -2.33
C GLY A 55 9.57 4.92 -2.93
N ASN A 56 9.22 3.65 -2.98
CA ASN A 56 10.16 2.63 -3.54
C ASN A 56 10.13 2.68 -5.09
N MET A 57 8.97 2.58 -5.67
CA MET A 57 8.87 2.62 -7.17
C MET A 57 7.89 3.73 -7.60
N ASP A 58 8.01 4.21 -8.81
CA ASP A 58 7.09 5.29 -9.28
C ASP A 58 6.67 5.05 -10.74
N GLU A 59 7.58 4.67 -11.60
CA GLU A 59 7.23 4.42 -13.03
C GLU A 59 6.08 3.42 -13.11
N GLU A 60 6.27 2.25 -12.56
CA GLU A 60 5.18 1.22 -12.57
C GLU A 60 4.13 1.55 -11.49
N HIS A 61 4.49 2.38 -10.53
CA HIS A 61 3.54 2.75 -9.44
C HIS A 61 2.38 3.61 -9.99
N ARG A 62 2.59 4.28 -11.11
CA ARG A 62 1.50 5.14 -11.68
C ARG A 62 0.23 4.32 -11.90
N THR A 63 0.31 3.25 -12.65
CA THR A 63 -0.90 2.40 -12.89
C THR A 63 -1.22 1.54 -11.66
N TRP A 64 -0.22 1.20 -10.88
CA TRP A 64 -0.46 0.38 -9.64
C TRP A 64 -1.30 1.18 -8.65
N PHE A 65 -0.87 2.38 -8.29
CA PHE A 65 -1.67 3.18 -7.32
C PHE A 65 -3.00 3.61 -7.92
N CYS A 66 -3.15 3.60 -9.23
CA CYS A 66 -4.47 4.00 -9.81
C CYS A 66 -5.55 3.07 -9.25
N ALA A 67 -5.41 1.79 -9.45
CA ALA A 67 -6.40 0.80 -8.90
C ALA A 67 -6.23 0.64 -7.38
N ARG A 68 -5.06 0.97 -6.86
CA ARG A 68 -4.84 0.83 -5.37
C ARG A 68 -5.22 2.14 -4.66
N TYR A 69 -5.41 3.21 -5.40
CA TYR A 69 -5.80 4.51 -4.78
C TYR A 69 -7.24 4.38 -4.30
N ALA A 70 -8.09 4.01 -5.22
CA ALA A 70 -9.53 3.83 -4.90
C ALA A 70 -9.72 2.70 -3.89
N TRP A 71 -9.04 1.59 -4.11
CA TRP A 71 -9.17 0.44 -3.17
C TRP A 71 -8.78 0.89 -1.76
N TYR A 72 -7.63 1.49 -1.59
CA TYR A 72 -7.21 1.95 -0.24
C TYR A 72 -8.19 3.02 0.28
N CYS A 73 -8.74 3.80 -0.62
CA CYS A 73 -9.70 4.87 -0.20
C CYS A 73 -10.99 4.26 0.37
N GLN A 74 -11.56 3.30 -0.31
CA GLN A 74 -12.82 2.68 0.19
C GLN A 74 -12.55 1.69 1.34
N GLN A 75 -11.43 1.00 1.32
CA GLN A 75 -11.13 0.03 2.42
C GLN A 75 -10.77 0.78 3.71
N MET A 76 -10.12 1.93 3.60
CA MET A 76 -9.76 2.69 4.84
C MET A 76 -11.03 3.19 5.52
N MET A 77 -12.01 3.59 4.75
CA MET A 77 -13.30 4.08 5.34
C MET A 77 -13.92 2.97 6.22
N GLN A 78 -13.80 1.74 5.79
CA GLN A 78 -14.36 0.60 6.59
C GLN A 78 -13.33 0.07 7.60
N ALA A 79 -12.07 0.43 7.44
CA ALA A 79 -11.01 -0.05 8.39
C ALA A 79 -10.83 0.93 9.55
N ARG A 80 -10.87 2.22 9.27
CA ARG A 80 -10.69 3.25 10.34
C ARG A 80 -11.84 3.19 11.35
N GLU A 81 -13.03 3.61 10.96
CA GLU A 81 -14.21 3.60 11.88
C GLU A 81 -13.93 4.47 13.12
N LEU A 82 -13.29 3.91 14.13
CA LEU A 82 -12.97 4.73 15.36
C LEU A 82 -11.50 4.52 15.77
N GLU A 83 -10.65 4.13 14.86
CA GLU A 83 -9.21 3.91 15.19
C GLU A 83 -8.33 4.40 14.03
N LEU A 84 -7.14 4.88 14.34
CA LEU A 84 -6.22 5.37 13.26
C LEU A 84 -5.23 4.28 12.88
N GLU A 85 -4.95 4.13 11.61
CA GLU A 85 -3.97 3.09 11.15
C GLU A 85 -2.90 3.73 10.28
N HIS A 86 -3.28 4.38 9.20
CA HIS A 86 -2.28 5.03 8.30
C HIS A 86 -2.87 6.33 7.72
N MET A 21 9.85 2.23 4.29
CA MET A 21 9.49 3.47 3.55
C MET A 21 10.76 4.27 3.20
N ASP A 22 10.85 4.75 1.98
CA ASP A 22 12.06 5.53 1.55
C ASP A 22 13.34 4.69 1.73
N HIS A 23 14.49 5.30 1.51
CA HIS A 23 15.78 4.55 1.66
C HIS A 23 15.86 3.38 0.67
N SER A 24 16.97 2.68 0.65
CA SER A 24 17.11 1.52 -0.29
C SER A 24 16.84 0.20 0.46
N LEU A 25 17.08 0.18 1.76
CA LEU A 25 16.83 -1.07 2.55
C LEU A 25 15.44 -1.01 3.20
N ASN A 26 15.07 0.14 3.74
CA ASN A 26 13.73 0.26 4.39
C ASN A 26 12.61 0.09 3.37
N SER A 27 12.66 0.78 2.25
CA SER A 27 11.60 0.64 1.21
C SER A 27 11.54 -0.80 0.68
N LEU A 28 12.70 -1.36 0.37
CA LEU A 28 12.72 -2.77 -0.16
C LEU A 28 12.11 -3.76 0.84
N ASN A 29 12.28 -3.53 2.11
CA ASN A 29 11.70 -4.46 3.14
C ASN A 29 10.17 -4.52 3.00
N ASN A 30 9.51 -3.38 3.00
CA ASN A 30 8.02 -3.39 2.87
C ASN A 30 7.59 -3.60 1.41
N PHE A 31 8.46 -3.35 0.46
CA PHE A 31 8.09 -3.54 -0.98
C PHE A 31 8.03 -5.04 -1.32
N ASP A 32 8.79 -5.87 -0.66
CA ASP A 32 8.78 -7.33 -0.96
C ASP A 32 7.70 -8.05 -0.14
N PHE A 33 7.75 -7.91 1.17
CA PHE A 33 6.74 -8.60 2.04
C PHE A 33 5.34 -8.04 1.77
N LEU A 34 5.20 -6.75 1.66
CA LEU A 34 3.84 -6.18 1.39
C LEU A 34 3.46 -6.37 -0.08
N ALA A 35 4.41 -6.49 -0.98
CA ALA A 35 4.04 -6.68 -2.42
C ALA A 35 3.01 -7.82 -2.56
N ARG A 36 3.30 -8.97 -1.99
CA ARG A 36 2.33 -10.11 -2.07
C ARG A 36 1.10 -9.83 -1.18
N SER A 37 1.26 -9.07 -0.13
CA SER A 37 0.09 -8.76 0.77
C SER A 37 -0.74 -7.60 0.18
N PHE A 38 -0.13 -6.71 -0.58
CA PHE A 38 -0.88 -5.57 -1.17
C PHE A 38 -1.98 -6.10 -2.09
N ALA A 39 -1.62 -6.98 -3.01
CA ALA A 39 -2.65 -7.57 -3.93
C ALA A 39 -3.62 -8.45 -3.12
N ARG A 40 -3.13 -9.13 -2.11
CA ARG A 40 -4.02 -9.99 -1.27
C ARG A 40 -5.02 -9.14 -0.48
N MET A 41 -4.55 -8.05 0.10
CA MET A 41 -5.45 -7.14 0.88
C MET A 41 -6.48 -6.48 -0.06
N HIS A 42 -6.21 -6.43 -1.34
CA HIS A 42 -7.16 -5.80 -2.31
C HIS A 42 -8.45 -6.63 -2.40
N ALA A 43 -8.33 -7.94 -2.39
CA ALA A 43 -9.56 -8.81 -2.50
C ALA A 43 -10.34 -8.80 -1.18
N GLU A 44 -9.68 -8.74 -0.06
CA GLU A 44 -10.41 -8.73 1.26
C GLU A 44 -10.85 -7.31 1.63
N GLY A 45 -10.15 -6.30 1.17
CA GLY A 45 -10.53 -4.90 1.52
C GLY A 45 -9.89 -4.50 2.86
N ARG A 46 -8.68 -4.95 3.10
CA ARG A 46 -7.99 -4.60 4.38
C ARG A 46 -7.05 -3.41 4.19
N PRO A 47 -6.72 -2.75 5.28
CA PRO A 47 -5.82 -1.57 5.20
C PRO A 47 -4.38 -1.99 4.85
N VAL A 48 -3.81 -1.34 3.87
CA VAL A 48 -2.41 -1.65 3.43
C VAL A 48 -1.66 -0.33 3.27
N ASP A 49 -0.53 -0.18 3.92
CA ASP A 49 0.22 1.11 3.80
C ASP A 49 0.83 1.27 2.40
N ILE A 50 0.07 1.81 1.48
CA ILE A 50 0.62 2.03 0.12
C ILE A 50 1.70 3.10 0.19
N LEU A 51 1.58 4.03 1.12
CA LEU A 51 2.61 5.10 1.28
C LEU A 51 3.99 4.45 1.39
N ALA A 52 4.08 3.36 2.12
CA ALA A 52 5.39 2.64 2.23
C ALA A 52 5.91 2.35 0.83
N VAL A 53 5.03 1.98 -0.06
CA VAL A 53 5.42 1.68 -1.47
C VAL A 53 5.61 2.97 -2.28
N THR A 54 4.96 4.03 -1.92
CA THR A 54 5.10 5.32 -2.69
C THR A 54 6.40 6.04 -2.31
N GLY A 55 7.03 5.66 -1.22
CA GLY A 55 8.32 6.32 -0.81
C GLY A 55 9.28 6.29 -2.01
N ASN A 56 9.40 5.15 -2.65
CA ASN A 56 10.29 5.03 -3.84
C ASN A 56 9.41 4.98 -5.10
N MET A 57 9.34 6.06 -5.83
CA MET A 57 8.49 6.10 -7.07
C MET A 57 8.92 5.01 -8.06
N ASP A 58 8.00 4.18 -8.48
CA ASP A 58 8.35 3.09 -9.44
C ASP A 58 7.52 3.21 -10.71
N GLU A 59 8.04 2.75 -11.83
CA GLU A 59 7.28 2.83 -13.12
C GLU A 59 5.96 2.05 -12.98
N GLU A 60 6.03 0.87 -12.42
CA GLU A 60 4.80 0.04 -12.25
C GLU A 60 3.93 0.60 -11.10
N HIS A 61 4.54 1.22 -10.12
CA HIS A 61 3.76 1.78 -8.98
C HIS A 61 2.81 2.90 -9.46
N ARG A 62 3.13 3.59 -10.52
CA ARG A 62 2.24 4.68 -11.02
C ARG A 62 0.86 4.11 -11.38
N THR A 63 0.79 3.26 -12.39
CA THR A 63 -0.53 2.66 -12.77
C THR A 63 -1.04 1.77 -11.61
N TRP A 64 -0.15 1.21 -10.85
CA TRP A 64 -0.57 0.34 -9.70
C TRP A 64 -1.36 1.18 -8.69
N PHE A 65 -0.82 2.31 -8.26
CA PHE A 65 -1.56 3.14 -7.27
C PHE A 65 -2.83 3.73 -7.89
N CYS A 66 -2.92 3.83 -9.19
CA CYS A 66 -4.18 4.39 -9.78
C CYS A 66 -5.36 3.52 -9.31
N ALA A 67 -5.32 2.24 -9.60
CA ALA A 67 -6.40 1.32 -9.16
C ALA A 67 -6.31 1.04 -7.65
N ARG A 68 -5.13 1.22 -7.07
CA ARG A 68 -4.98 0.98 -5.60
C ARG A 68 -5.26 2.28 -4.82
N TYR A 69 -5.33 3.39 -5.49
CA TYR A 69 -5.63 4.69 -4.80
C TYR A 69 -7.07 4.64 -4.34
N ALA A 70 -7.94 4.38 -5.28
CA ALA A 70 -9.39 4.28 -4.96
C ALA A 70 -9.65 3.11 -4.02
N TRP A 71 -9.05 1.98 -4.32
CA TRP A 71 -9.23 0.78 -3.46
C TRP A 71 -8.85 1.14 -2.02
N TYR A 72 -7.63 1.60 -1.82
CA TYR A 72 -7.20 1.99 -0.44
C TYR A 72 -8.13 3.07 0.13
N CYS A 73 -8.57 3.98 -0.71
CA CYS A 73 -9.47 5.06 -0.22
C CYS A 73 -10.76 4.49 0.36
N GLN A 74 -11.41 3.57 -0.32
CA GLN A 74 -12.68 3.00 0.23
C GLN A 74 -12.44 1.92 1.30
N GLN A 75 -11.41 1.11 1.17
CA GLN A 75 -11.16 0.05 2.21
C GLN A 75 -10.65 0.65 3.52
N MET A 76 -9.79 1.65 3.45
CA MET A 76 -9.28 2.27 4.72
C MET A 76 -10.42 3.03 5.41
N MET A 77 -11.33 3.60 4.64
CA MET A 77 -12.48 4.33 5.26
C MET A 77 -13.28 3.36 6.14
N GLN A 78 -13.34 2.11 5.76
CA GLN A 78 -14.09 1.09 6.57
C GLN A 78 -13.13 0.30 7.48
N ALA A 79 -11.84 0.48 7.32
CA ALA A 79 -10.85 -0.26 8.17
C ALA A 79 -10.40 0.62 9.35
N ARG A 80 -10.36 1.91 9.16
CA ARG A 80 -9.93 2.83 10.26
C ARG A 80 -11.07 3.04 11.26
N GLU A 81 -11.25 2.11 12.17
CA GLU A 81 -12.34 2.25 13.17
C GLU A 81 -11.87 1.72 14.54
N LEU A 82 -11.39 0.50 14.58
CA LEU A 82 -10.89 -0.07 15.87
C LEU A 82 -9.39 -0.44 15.77
N GLU A 83 -8.80 -0.35 14.60
CA GLU A 83 -7.35 -0.68 14.46
C GLU A 83 -6.59 0.48 13.79
N LEU A 84 -5.29 0.48 13.89
CA LEU A 84 -4.47 1.56 13.26
C LEU A 84 -3.53 0.97 12.21
N GLU A 85 -3.41 1.61 11.08
CA GLU A 85 -2.49 1.09 10.01
C GLU A 85 -1.53 2.18 9.54
N HIS A 86 -2.05 3.34 9.21
CA HIS A 86 -1.17 4.45 8.74
C HIS A 86 -0.71 5.30 9.93
N MET A 21 13.69 7.55 9.35
CA MET A 21 13.79 6.26 8.63
C MET A 21 14.09 6.50 7.13
N ASP A 22 14.81 5.60 6.51
CA ASP A 22 15.16 5.76 5.07
C ASP A 22 14.21 4.95 4.19
N HIS A 23 14.23 5.20 2.89
CA HIS A 23 13.33 4.45 1.96
C HIS A 23 14.14 3.54 1.01
N SER A 24 15.44 3.45 1.19
CA SER A 24 16.27 2.58 0.31
C SER A 24 16.32 1.15 0.86
N LEU A 25 16.56 0.99 2.14
CA LEU A 25 16.64 -0.38 2.74
C LEU A 25 15.31 -0.73 3.44
N ASN A 26 14.69 0.22 4.09
CA ASN A 26 13.40 -0.07 4.80
C ASN A 26 12.24 -0.22 3.81
N SER A 27 12.05 0.74 2.93
CA SER A 27 10.93 0.64 1.94
C SER A 27 11.13 -0.57 1.03
N LEU A 28 12.36 -0.92 0.73
CA LEU A 28 12.61 -2.09 -0.16
C LEU A 28 12.20 -3.39 0.55
N ASN A 29 12.68 -3.60 1.76
CA ASN A 29 12.30 -4.83 2.52
C ASN A 29 10.79 -4.90 2.72
N ASN A 30 10.18 -3.79 3.06
CA ASN A 30 8.70 -3.78 3.27
C ASN A 30 7.99 -4.04 1.93
N PHE A 31 8.43 -3.41 0.87
CA PHE A 31 7.79 -3.61 -0.46
C PHE A 31 7.80 -5.10 -0.86
N ASP A 32 8.82 -5.82 -0.50
CA ASP A 32 8.89 -7.28 -0.87
C ASP A 32 7.78 -8.07 -0.15
N PHE A 33 7.77 -8.07 1.15
CA PHE A 33 6.73 -8.83 1.91
C PHE A 33 5.34 -8.21 1.71
N LEU A 34 5.26 -6.92 1.50
CA LEU A 34 3.92 -6.29 1.29
C LEU A 34 3.49 -6.44 -0.17
N ALA A 35 4.40 -6.42 -1.12
CA ALA A 35 3.99 -6.57 -2.55
C ALA A 35 3.02 -7.74 -2.69
N ARG A 36 3.38 -8.90 -2.17
CA ARG A 36 2.47 -10.08 -2.23
C ARG A 36 1.21 -9.84 -1.38
N SER A 37 1.35 -9.22 -0.22
CA SER A 37 0.15 -8.96 0.64
C SER A 37 -0.68 -7.78 0.10
N PHE A 38 -0.07 -6.85 -0.60
CA PHE A 38 -0.82 -5.68 -1.16
C PHE A 38 -1.96 -6.17 -2.05
N ALA A 39 -1.64 -7.04 -2.99
CA ALA A 39 -2.69 -7.57 -3.92
C ALA A 39 -3.69 -8.42 -3.14
N ARG A 40 -3.23 -9.16 -2.16
CA ARG A 40 -4.16 -10.02 -1.34
C ARG A 40 -5.08 -9.13 -0.49
N MET A 41 -4.55 -8.08 0.08
CA MET A 41 -5.39 -7.16 0.91
C MET A 41 -6.46 -6.49 0.05
N HIS A 42 -6.22 -6.39 -1.24
CA HIS A 42 -7.22 -5.76 -2.16
C HIS A 42 -8.55 -6.53 -2.12
N ALA A 43 -8.48 -7.84 -2.10
CA ALA A 43 -9.74 -8.65 -2.05
C ALA A 43 -10.22 -8.80 -0.61
N GLU A 44 -9.33 -8.79 0.35
CA GLU A 44 -9.74 -8.94 1.78
C GLU A 44 -10.40 -7.65 2.30
N GLY A 45 -10.06 -6.51 1.74
CA GLY A 45 -10.65 -5.23 2.21
C GLY A 45 -9.90 -4.73 3.45
N ARG A 46 -8.61 -4.98 3.51
CA ARG A 46 -7.80 -4.53 4.69
C ARG A 46 -6.96 -3.30 4.30
N PRO A 47 -6.67 -2.47 5.28
CA PRO A 47 -5.86 -1.25 5.01
C PRO A 47 -4.40 -1.63 4.75
N VAL A 48 -3.84 -1.12 3.68
CA VAL A 48 -2.41 -1.44 3.33
C VAL A 48 -1.64 -0.13 3.16
N ASP A 49 -0.47 -0.02 3.77
CA ASP A 49 0.31 1.24 3.64
C ASP A 49 0.88 1.39 2.23
N ILE A 50 0.11 1.97 1.34
CA ILE A 50 0.61 2.16 -0.05
C ILE A 50 1.77 3.17 -0.05
N LEU A 51 1.79 4.05 0.92
CA LEU A 51 2.91 5.05 1.00
C LEU A 51 4.24 4.30 0.93
N ALA A 52 4.35 3.19 1.62
CA ALA A 52 5.59 2.39 1.58
C ALA A 52 5.89 2.01 0.12
N VAL A 53 4.86 1.71 -0.63
CA VAL A 53 5.03 1.34 -2.07
C VAL A 53 5.30 2.56 -2.95
N THR A 54 4.88 3.73 -2.54
CA THR A 54 5.12 4.95 -3.38
C THR A 54 6.55 5.46 -3.21
N GLY A 55 7.18 5.18 -2.10
CA GLY A 55 8.59 5.65 -1.87
C GLY A 55 9.56 4.77 -2.68
N ASN A 56 9.36 3.48 -2.68
CA ASN A 56 10.27 2.57 -3.43
C ASN A 56 9.87 2.52 -4.92
N MET A 57 8.62 2.20 -5.20
CA MET A 57 8.17 2.13 -6.63
C MET A 57 7.59 3.48 -7.07
N ASP A 58 7.82 3.87 -8.30
CA ASP A 58 7.29 5.17 -8.79
C ASP A 58 6.86 5.06 -10.27
N GLU A 59 7.75 4.63 -11.13
CA GLU A 59 7.39 4.50 -12.59
C GLU A 59 6.16 3.60 -12.73
N GLU A 60 6.28 2.35 -12.35
CA GLU A 60 5.12 1.42 -12.43
C GLU A 60 4.11 1.77 -11.33
N HIS A 61 4.58 2.41 -10.27
CA HIS A 61 3.67 2.79 -9.15
C HIS A 61 2.52 3.68 -9.65
N ARG A 62 2.78 4.53 -10.63
CA ARG A 62 1.69 5.40 -11.16
C ARG A 62 0.50 4.54 -11.63
N THR A 63 0.78 3.48 -12.35
CA THR A 63 -0.30 2.59 -12.83
C THR A 63 -0.82 1.73 -11.67
N TRP A 64 0.08 1.17 -10.90
CA TRP A 64 -0.34 0.32 -9.73
C TRP A 64 -1.20 1.15 -8.77
N PHE A 65 -0.73 2.30 -8.35
CA PHE A 65 -1.54 3.12 -7.40
C PHE A 65 -2.83 3.62 -8.06
N CYS A 66 -2.90 3.68 -9.36
CA CYS A 66 -4.18 4.15 -9.98
C CYS A 66 -5.33 3.26 -9.48
N ALA A 67 -5.22 1.97 -9.71
CA ALA A 67 -6.27 1.02 -9.23
C ALA A 67 -6.16 0.83 -7.71
N ARG A 68 -5.00 1.07 -7.13
CA ARG A 68 -4.84 0.92 -5.65
C ARG A 68 -5.15 2.24 -4.93
N TYR A 69 -5.34 3.31 -5.67
CA TYR A 69 -5.67 4.62 -5.05
C TYR A 69 -7.11 4.56 -4.57
N ALA A 70 -7.99 4.25 -5.48
CA ALA A 70 -9.43 4.13 -5.14
C ALA A 70 -9.63 2.99 -4.15
N TRP A 71 -8.96 1.88 -4.38
CA TRP A 71 -9.08 0.74 -3.44
C TRP A 71 -8.65 1.19 -2.05
N TYR A 72 -7.44 1.68 -1.92
CA TYR A 72 -6.97 2.16 -0.58
C TYR A 72 -7.95 3.21 -0.04
N CYS A 73 -8.50 4.02 -0.90
CA CYS A 73 -9.46 5.07 -0.45
C CYS A 73 -10.70 4.44 0.21
N GLN A 74 -11.28 3.43 -0.40
CA GLN A 74 -12.50 2.80 0.21
C GLN A 74 -12.13 1.85 1.36
N GLN A 75 -11.03 1.13 1.28
CA GLN A 75 -10.66 0.19 2.39
C GLN A 75 -10.22 0.95 3.64
N MET A 76 -9.56 2.08 3.48
CA MET A 76 -9.13 2.86 4.68
C MET A 76 -10.34 3.54 5.34
N MET A 77 -11.32 3.92 4.54
CA MET A 77 -12.55 4.58 5.11
C MET A 77 -13.24 3.63 6.09
N GLN A 78 -13.23 2.35 5.82
CA GLN A 78 -13.87 1.37 6.74
C GLN A 78 -12.85 0.80 7.74
N ALA A 79 -11.58 1.08 7.55
CA ALA A 79 -10.54 0.57 8.50
C ALA A 79 -10.20 1.63 9.54
N ARG A 80 -10.16 2.88 9.13
CA ARG A 80 -9.83 3.99 10.08
C ARG A 80 -10.87 4.06 11.22
N GLU A 81 -10.50 3.60 12.38
CA GLU A 81 -11.45 3.64 13.54
C GLU A 81 -10.81 4.40 14.71
N LEU A 82 -9.60 4.05 15.07
CA LEU A 82 -8.90 4.76 16.19
C LEU A 82 -7.40 4.47 16.15
N GLU A 83 -6.62 5.25 16.89
CA GLU A 83 -5.12 5.05 16.92
C GLU A 83 -4.52 5.19 15.50
N LEU A 84 -3.21 5.10 15.39
CA LEU A 84 -2.57 5.24 14.05
C LEU A 84 -2.76 3.96 13.25
N GLU A 85 -3.03 4.07 11.97
CA GLU A 85 -3.24 2.85 11.14
C GLU A 85 -2.68 3.04 9.72
N HIS A 86 -3.38 3.80 8.88
CA HIS A 86 -2.89 4.04 7.49
C HIS A 86 -2.75 2.71 6.72
N MET A 21 21.06 2.21 10.87
CA MET A 21 19.95 1.74 9.98
C MET A 21 19.73 2.72 8.83
N ASP A 22 19.27 2.23 7.70
CA ASP A 22 19.02 3.12 6.53
C ASP A 22 17.56 3.03 6.07
N HIS A 23 17.02 4.10 5.57
CA HIS A 23 15.59 4.09 5.10
C HIS A 23 15.45 3.22 3.84
N SER A 24 16.49 3.13 3.04
CA SER A 24 16.43 2.31 1.79
C SER A 24 16.18 0.83 2.13
N LEU A 25 16.79 0.33 3.19
CA LEU A 25 16.59 -1.10 3.56
C LEU A 25 15.18 -1.32 4.13
N ASN A 26 14.71 -0.43 4.96
CA ASN A 26 13.34 -0.60 5.55
C ASN A 26 12.28 -0.57 4.44
N SER A 27 12.37 0.37 3.53
CA SER A 27 11.38 0.44 2.42
C SER A 27 11.49 -0.80 1.51
N LEU A 28 12.69 -1.26 1.27
CA LEU A 28 12.88 -2.46 0.39
C LEU A 28 12.32 -3.71 1.09
N ASN A 29 12.65 -3.91 2.34
CA ASN A 29 12.13 -5.11 3.08
C ASN A 29 10.60 -5.07 3.14
N ASN A 30 10.03 -3.92 3.44
CA ASN A 30 8.54 -3.81 3.51
C ASN A 30 7.93 -4.01 2.11
N PHE A 31 8.49 -3.37 1.11
CA PHE A 31 7.95 -3.51 -0.28
C PHE A 31 7.90 -4.98 -0.72
N ASP A 32 8.89 -5.76 -0.35
CA ASP A 32 8.90 -7.20 -0.77
C ASP A 32 7.78 -7.99 -0.08
N PHE A 33 7.79 -8.07 1.23
CA PHE A 33 6.74 -8.84 1.97
C PHE A 33 5.35 -8.24 1.69
N LEU A 34 5.25 -6.93 1.58
CA LEU A 34 3.92 -6.32 1.29
C LEU A 34 3.57 -6.45 -0.19
N ALA A 35 4.56 -6.54 -1.06
CA ALA A 35 4.24 -6.65 -2.53
C ALA A 35 3.19 -7.74 -2.76
N ARG A 36 3.44 -8.94 -2.28
CA ARG A 36 2.44 -10.05 -2.46
C ARG A 36 1.21 -9.79 -1.58
N SER A 37 1.39 -9.22 -0.41
CA SER A 37 0.23 -8.94 0.49
C SER A 37 -0.61 -7.77 -0.06
N PHE A 38 0.02 -6.81 -0.70
CA PHE A 38 -0.73 -5.64 -1.28
C PHE A 38 -1.82 -6.14 -2.22
N ALA A 39 -1.45 -6.98 -3.17
CA ALA A 39 -2.45 -7.52 -4.14
C ALA A 39 -3.52 -8.35 -3.40
N ARG A 40 -3.13 -9.10 -2.40
CA ARG A 40 -4.12 -9.91 -1.63
C ARG A 40 -5.03 -8.99 -0.81
N MET A 41 -4.48 -7.94 -0.26
CA MET A 41 -5.30 -6.98 0.55
C MET A 41 -6.33 -6.28 -0.35
N HIS A 42 -6.08 -6.21 -1.64
CA HIS A 42 -7.05 -5.56 -2.58
C HIS A 42 -8.43 -6.22 -2.48
N ALA A 43 -8.47 -7.53 -2.41
CA ALA A 43 -9.78 -8.24 -2.30
C ALA A 43 -10.23 -8.36 -0.84
N GLU A 44 -9.30 -8.38 0.09
CA GLU A 44 -9.69 -8.50 1.53
C GLU A 44 -10.25 -7.17 2.06
N GLY A 45 -9.84 -6.05 1.48
CA GLY A 45 -10.36 -4.73 1.95
C GLY A 45 -9.67 -4.36 3.28
N ARG A 46 -8.39 -4.61 3.39
CA ARG A 46 -7.66 -4.26 4.65
C ARG A 46 -6.74 -3.07 4.40
N PRO A 47 -6.37 -2.39 5.47
CA PRO A 47 -5.47 -1.21 5.36
C PRO A 47 -4.05 -1.65 4.97
N VAL A 48 -3.51 -1.02 3.95
CA VAL A 48 -2.14 -1.38 3.48
C VAL A 48 -1.35 -0.08 3.24
N ASP A 49 -0.15 0.02 3.76
CA ASP A 49 0.64 1.28 3.57
C ASP A 49 1.11 1.39 2.12
N ILE A 50 0.29 1.95 1.26
CA ILE A 50 0.71 2.11 -0.16
C ILE A 50 1.84 3.14 -0.23
N LEU A 51 1.83 4.12 0.64
CA LEU A 51 2.92 5.13 0.65
C LEU A 51 4.28 4.42 0.67
N ALA A 52 4.38 3.38 1.46
CA ALA A 52 5.66 2.59 1.50
C ALA A 52 6.03 2.16 0.07
N VAL A 53 5.04 1.82 -0.70
CA VAL A 53 5.28 1.39 -2.12
C VAL A 53 5.47 2.60 -3.06
N THR A 54 4.97 3.75 -2.69
CA THR A 54 5.12 4.96 -3.58
C THR A 54 6.48 5.63 -3.36
N GLY A 55 7.27 5.18 -2.41
CA GLY A 55 8.60 5.82 -2.16
C GLY A 55 9.58 5.47 -3.28
N ASN A 56 9.94 4.22 -3.40
CA ASN A 56 10.91 3.80 -4.47
C ASN A 56 10.20 3.50 -5.80
N MET A 57 8.98 3.01 -5.75
CA MET A 57 8.26 2.69 -7.03
C MET A 57 7.41 3.90 -7.47
N ASP A 58 7.54 4.28 -8.72
CA ASP A 58 6.75 5.44 -9.25
C ASP A 58 6.37 5.21 -10.71
N GLU A 59 7.32 4.87 -11.56
CA GLU A 59 7.00 4.64 -13.00
C GLU A 59 5.90 3.58 -13.12
N GLU A 60 6.15 2.38 -12.67
CA GLU A 60 5.11 1.32 -12.73
C GLU A 60 4.04 1.59 -11.66
N HIS A 61 4.41 2.31 -10.62
CA HIS A 61 3.45 2.63 -9.53
C HIS A 61 2.29 3.52 -10.04
N ARG A 62 2.47 4.19 -11.16
CA ARG A 62 1.38 5.07 -11.70
C ARG A 62 0.11 4.25 -11.94
N THR A 63 0.17 3.22 -12.75
CA THR A 63 -1.05 2.40 -13.01
C THR A 63 -1.37 1.53 -11.78
N TRP A 64 -0.36 1.09 -11.06
CA TRP A 64 -0.61 0.25 -9.85
C TRP A 64 -1.43 1.05 -8.83
N PHE A 65 -1.00 2.24 -8.46
CA PHE A 65 -1.79 3.03 -7.48
C PHE A 65 -3.13 3.48 -8.06
N CYS A 66 -3.28 3.52 -9.36
CA CYS A 66 -4.60 3.93 -9.94
C CYS A 66 -5.69 3.03 -9.34
N ALA A 67 -5.54 1.73 -9.53
CA ALA A 67 -6.55 0.77 -8.97
C ALA A 67 -6.36 0.63 -7.44
N ARG A 68 -5.17 0.90 -6.95
CA ARG A 68 -4.93 0.79 -5.47
C ARG A 68 -5.29 2.11 -4.77
N TYR A 69 -5.52 3.16 -5.52
CA TYR A 69 -5.89 4.47 -4.91
C TYR A 69 -7.32 4.37 -4.42
N ALA A 70 -8.20 4.01 -5.33
CA ALA A 70 -9.64 3.85 -4.97
C ALA A 70 -9.81 2.72 -3.97
N TRP A 71 -9.16 1.60 -4.21
CA TRP A 71 -9.26 0.46 -3.27
C TRP A 71 -8.85 0.91 -1.87
N TYR A 72 -7.67 1.45 -1.74
CA TYR A 72 -7.22 1.94 -0.41
C TYR A 72 -8.16 3.02 0.12
N CYS A 73 -8.69 3.85 -0.75
CA CYS A 73 -9.62 4.93 -0.31
C CYS A 73 -10.88 4.34 0.34
N GLN A 74 -11.48 3.33 -0.26
CA GLN A 74 -12.72 2.75 0.34
C GLN A 74 -12.41 1.77 1.49
N GLN A 75 -11.31 1.06 1.43
CA GLN A 75 -10.99 0.10 2.54
C GLN A 75 -10.41 0.82 3.77
N MET A 76 -9.58 1.82 3.59
CA MET A 76 -9.00 2.54 4.77
C MET A 76 -10.06 3.44 5.42
N MET A 77 -10.89 4.09 4.65
CA MET A 77 -11.95 4.95 5.26
C MET A 77 -12.91 4.10 6.10
N GLN A 78 -13.11 2.85 5.69
CA GLN A 78 -14.02 1.95 6.47
C GLN A 78 -13.22 1.23 7.56
N ALA A 79 -11.91 1.32 7.54
CA ALA A 79 -11.07 0.64 8.57
C ALA A 79 -10.82 1.61 9.73
N ARG A 80 -10.64 2.87 9.43
CA ARG A 80 -10.38 3.88 10.50
C ARG A 80 -11.70 4.31 11.16
N GLU A 81 -11.92 3.91 12.39
CA GLU A 81 -13.17 4.29 13.10
C GLU A 81 -12.85 5.06 14.39
N LEU A 82 -11.97 4.55 15.21
CA LEU A 82 -11.62 5.25 16.50
C LEU A 82 -10.32 6.05 16.31
N GLU A 83 -10.39 7.34 16.54
CA GLU A 83 -9.18 8.23 16.38
C GLU A 83 -8.61 8.13 14.95
N LEU A 84 -7.41 8.60 14.73
CA LEU A 84 -6.81 8.54 13.36
C LEU A 84 -6.03 7.23 13.17
N GLU A 85 -6.20 6.59 12.04
CA GLU A 85 -5.48 5.32 11.76
C GLU A 85 -4.76 5.41 10.41
N HIS A 86 -3.45 5.50 10.42
CA HIS A 86 -2.67 5.59 9.14
C HIS A 86 -3.18 6.77 8.28
N MET A 21 13.56 7.99 4.66
CA MET A 21 14.79 7.54 5.38
C MET A 21 15.09 6.06 5.05
N ASP A 22 16.30 5.76 4.64
CA ASP A 22 16.67 4.35 4.31
C ASP A 22 15.70 3.76 3.27
N HIS A 23 15.70 4.30 2.08
CA HIS A 23 14.77 3.79 1.00
C HIS A 23 15.37 2.55 0.30
N SER A 24 16.64 2.30 0.44
CA SER A 24 17.25 1.11 -0.24
C SER A 24 17.15 -0.15 0.63
N LEU A 25 17.27 -0.04 1.93
CA LEU A 25 17.19 -1.25 2.81
C LEU A 25 15.81 -1.38 3.46
N ASN A 26 15.25 -0.29 3.95
CA ASN A 26 13.92 -0.37 4.63
C ASN A 26 12.76 -0.39 3.61
N SER A 27 12.72 0.56 2.70
CA SER A 27 11.61 0.58 1.69
C SER A 27 11.64 -0.67 0.81
N LEU A 28 12.81 -1.10 0.40
CA LEU A 28 12.91 -2.32 -0.48
C LEU A 28 12.44 -3.56 0.27
N ASN A 29 12.88 -3.76 1.50
CA ASN A 29 12.45 -4.96 2.28
C ASN A 29 10.93 -4.93 2.52
N ASN A 30 10.40 -3.79 2.89
CA ASN A 30 8.93 -3.69 3.13
C ASN A 30 8.15 -3.91 1.82
N PHE A 31 8.54 -3.23 0.77
CA PHE A 31 7.82 -3.39 -0.54
C PHE A 31 7.76 -4.86 -0.97
N ASP A 32 8.83 -5.59 -0.77
CA ASP A 32 8.84 -7.04 -1.19
C ASP A 32 7.77 -7.85 -0.43
N PHE A 33 7.85 -7.89 0.88
CA PHE A 33 6.85 -8.66 1.68
C PHE A 33 5.44 -8.05 1.55
N LEU A 34 5.35 -6.76 1.38
CA LEU A 34 3.99 -6.14 1.26
C LEU A 34 3.49 -6.22 -0.19
N ALA A 35 4.36 -6.41 -1.15
CA ALA A 35 3.87 -6.51 -2.56
C ALA A 35 2.92 -7.70 -2.68
N ARG A 36 3.29 -8.82 -2.09
CA ARG A 36 2.41 -10.02 -2.12
C ARG A 36 1.17 -9.80 -1.23
N SER A 37 1.32 -9.11 -0.13
CA SER A 37 0.15 -8.84 0.77
C SER A 37 -0.71 -7.69 0.22
N PHE A 38 -0.11 -6.76 -0.48
CA PHE A 38 -0.90 -5.61 -1.05
C PHE A 38 -2.02 -6.15 -1.96
N ALA A 39 -1.69 -7.02 -2.88
CA ALA A 39 -2.72 -7.60 -3.79
C ALA A 39 -3.69 -8.48 -3.00
N ARG A 40 -3.19 -9.19 -2.00
CA ARG A 40 -4.08 -10.07 -1.17
C ARG A 40 -5.05 -9.21 -0.34
N MET A 41 -4.58 -8.12 0.22
CA MET A 41 -5.45 -7.23 1.04
C MET A 41 -6.55 -6.61 0.15
N HIS A 42 -6.31 -6.50 -1.13
CA HIS A 42 -7.34 -5.91 -2.05
C HIS A 42 -8.63 -6.74 -2.00
N ALA A 43 -8.52 -8.05 -1.96
CA ALA A 43 -9.74 -8.90 -1.90
C ALA A 43 -10.25 -9.01 -0.46
N GLU A 44 -9.36 -8.97 0.51
CA GLU A 44 -9.80 -9.07 1.95
C GLU A 44 -10.49 -7.78 2.40
N GLY A 45 -10.15 -6.66 1.81
CA GLY A 45 -10.78 -5.36 2.21
C GLY A 45 -10.12 -4.82 3.47
N ARG A 46 -8.82 -5.01 3.60
CA ARG A 46 -8.10 -4.49 4.81
C ARG A 46 -7.25 -3.27 4.43
N PRO A 47 -6.96 -2.43 5.40
CA PRO A 47 -6.14 -1.21 5.15
C PRO A 47 -4.69 -1.59 4.84
N VAL A 48 -4.19 -1.10 3.73
CA VAL A 48 -2.77 -1.40 3.33
C VAL A 48 -2.00 -0.08 3.21
N ASP A 49 -0.85 0.01 3.83
CA ASP A 49 -0.07 1.28 3.74
C ASP A 49 0.53 1.43 2.34
N ILE A 50 -0.23 1.99 1.43
CA ILE A 50 0.30 2.18 0.04
C ILE A 50 1.48 3.15 0.07
N LEU A 51 1.43 4.15 0.94
CA LEU A 51 2.55 5.13 1.03
C LEU A 51 3.88 4.39 1.16
N ALA A 52 3.91 3.35 1.95
CA ALA A 52 5.16 2.54 2.09
C ALA A 52 5.68 2.16 0.71
N VAL A 53 4.76 1.81 -0.17
CA VAL A 53 5.12 1.41 -1.56
C VAL A 53 5.39 2.65 -2.44
N THR A 54 4.88 3.80 -2.07
CA THR A 54 5.11 5.03 -2.91
C THR A 54 6.35 5.80 -2.41
N GLY A 55 7.30 5.11 -1.81
CA GLY A 55 8.53 5.79 -1.31
C GLY A 55 9.37 6.31 -2.47
N ASN A 56 10.31 5.53 -2.95
CA ASN A 56 11.17 5.98 -4.08
C ASN A 56 10.80 5.25 -5.39
N MET A 57 10.45 3.99 -5.31
CA MET A 57 10.06 3.24 -6.56
C MET A 57 8.62 3.58 -6.95
N ASP A 58 8.45 4.39 -7.97
CA ASP A 58 7.07 4.76 -8.41
C ASP A 58 6.90 4.60 -9.93
N GLU A 59 7.91 4.12 -10.63
CA GLU A 59 7.77 3.94 -12.12
C GLU A 59 6.63 2.95 -12.40
N GLU A 60 6.57 1.90 -11.64
CA GLU A 60 5.48 0.89 -11.84
C GLU A 60 4.28 1.25 -10.94
N HIS A 61 4.51 2.02 -9.90
CA HIS A 61 3.41 2.42 -8.97
C HIS A 61 2.42 3.38 -9.66
N ARG A 62 2.79 3.97 -10.77
CA ARG A 62 1.86 4.91 -11.47
C ARG A 62 0.54 4.21 -11.83
N THR A 63 0.60 3.16 -12.64
CA THR A 63 -0.65 2.43 -13.01
C THR A 63 -1.16 1.58 -11.83
N TRP A 64 -0.26 1.09 -11.00
CA TRP A 64 -0.69 0.27 -9.83
C TRP A 64 -1.52 1.13 -8.88
N PHE A 65 -1.01 2.27 -8.47
CA PHE A 65 -1.80 3.13 -7.54
C PHE A 65 -3.08 3.65 -8.20
N CYS A 66 -3.17 3.67 -9.50
CA CYS A 66 -4.43 4.16 -10.13
C CYS A 66 -5.59 3.28 -9.63
N ALA A 67 -5.52 1.99 -9.89
CA ALA A 67 -6.59 1.06 -9.41
C ALA A 67 -6.48 0.86 -7.88
N ARG A 68 -5.32 1.09 -7.32
CA ARG A 68 -5.15 0.91 -5.84
C ARG A 68 -5.43 2.24 -5.11
N TYR A 69 -5.58 3.32 -5.83
CA TYR A 69 -5.88 4.63 -5.19
C TYR A 69 -7.32 4.58 -4.69
N ALA A 70 -8.21 4.29 -5.60
CA ALA A 70 -9.64 4.18 -5.24
C ALA A 70 -9.84 3.02 -4.26
N TRP A 71 -9.16 1.93 -4.50
CA TRP A 71 -9.27 0.76 -3.59
C TRP A 71 -8.86 1.20 -2.18
N TYR A 72 -7.67 1.75 -2.03
CA TYR A 72 -7.24 2.22 -0.69
C TYR A 72 -8.23 3.25 -0.15
N CYS A 73 -8.78 4.07 -1.01
CA CYS A 73 -9.76 5.10 -0.57
C CYS A 73 -10.99 4.44 0.09
N GLN A 74 -11.55 3.43 -0.52
CA GLN A 74 -12.75 2.78 0.07
C GLN A 74 -12.38 1.78 1.20
N GLN A 75 -11.25 1.12 1.11
CA GLN A 75 -10.88 0.14 2.20
C GLN A 75 -10.45 0.88 3.48
N MET A 76 -9.77 2.01 3.35
CA MET A 76 -9.35 2.76 4.57
C MET A 76 -10.56 3.46 5.20
N MET A 77 -11.50 3.88 4.39
CA MET A 77 -12.73 4.55 4.94
C MET A 77 -13.47 3.60 5.89
N GLN A 78 -13.48 2.33 5.57
CA GLN A 78 -14.17 1.33 6.46
C GLN A 78 -13.17 0.65 7.40
N ALA A 79 -11.90 0.97 7.30
CA ALA A 79 -10.88 0.35 8.21
C ALA A 79 -10.50 1.33 9.31
N ARG A 80 -10.01 2.50 8.93
CA ARG A 80 -9.63 3.54 9.93
C ARG A 80 -8.93 2.90 11.15
N GLU A 81 -7.75 2.37 10.94
CA GLU A 81 -7.02 1.72 12.08
C GLU A 81 -5.50 1.67 11.80
N LEU A 82 -5.11 1.07 10.70
CA LEU A 82 -3.65 0.97 10.38
C LEU A 82 -3.15 2.31 9.79
N GLU A 83 -3.76 2.78 8.73
CA GLU A 83 -3.33 4.07 8.12
C GLU A 83 -4.28 5.20 8.50
N LEU A 84 -4.05 6.39 8.01
CA LEU A 84 -4.94 7.54 8.34
C LEU A 84 -5.54 8.15 7.06
N GLU A 85 -6.82 8.41 7.04
CA GLU A 85 -7.45 9.01 5.82
C GLU A 85 -8.66 9.87 6.20
N HIS A 86 -9.56 9.35 7.01
CA HIS A 86 -10.76 10.16 7.41
C HIS A 86 -10.41 11.07 8.59
N MET A 21 6.90 9.70 3.96
CA MET A 21 7.90 8.61 3.75
C MET A 21 9.23 8.98 4.40
N ASP A 22 9.59 8.31 5.45
CA ASP A 22 10.88 8.62 6.15
C ASP A 22 11.52 7.34 6.69
N HIS A 23 11.48 6.27 5.92
CA HIS A 23 12.08 4.99 6.38
C HIS A 23 12.70 4.24 5.19
N SER A 24 13.91 3.78 5.33
CA SER A 24 14.58 3.04 4.21
C SER A 24 14.46 1.53 4.42
N LEU A 25 14.77 1.05 5.60
CA LEU A 25 14.68 -0.42 5.87
C LEU A 25 13.23 -0.89 5.82
N ASN A 26 12.33 -0.11 6.37
CA ASN A 26 10.88 -0.50 6.35
C ASN A 26 10.34 -0.51 4.92
N SER A 27 10.76 0.42 4.11
CA SER A 27 10.28 0.46 2.69
C SER A 27 10.87 -0.71 1.89
N LEU A 28 12.08 -1.11 2.19
CA LEU A 28 12.71 -2.26 1.46
C LEU A 28 11.96 -3.56 1.76
N ASN A 29 11.77 -3.87 3.02
CA ASN A 29 11.06 -5.13 3.39
C ASN A 29 9.60 -5.05 2.93
N ASN A 30 8.98 -3.91 3.07
CA ASN A 30 7.56 -3.75 2.62
C ASN A 30 7.44 -3.95 1.10
N PHE A 31 8.38 -3.43 0.35
CA PHE A 31 8.30 -3.58 -1.13
C PHE A 31 8.26 -5.06 -1.54
N ASP A 32 9.09 -5.89 -0.94
CA ASP A 32 9.10 -7.34 -1.31
C ASP A 32 7.99 -8.12 -0.59
N PHE A 33 8.06 -8.21 0.72
CA PHE A 33 7.03 -8.98 1.49
C PHE A 33 5.62 -8.41 1.24
N LEU A 34 5.45 -7.11 1.35
CA LEU A 34 4.08 -6.55 1.15
C LEU A 34 3.67 -6.60 -0.33
N ALA A 35 4.61 -6.66 -1.26
CA ALA A 35 4.20 -6.72 -2.71
C ALA A 35 3.22 -7.88 -2.90
N ARG A 36 3.52 -9.03 -2.32
CA ARG A 36 2.61 -10.21 -2.45
C ARG A 36 1.29 -9.91 -1.72
N SER A 37 1.37 -9.37 -0.52
CA SER A 37 0.13 -9.06 0.26
C SER A 37 -0.61 -7.85 -0.34
N PHE A 38 0.09 -6.96 -1.00
CA PHE A 38 -0.56 -5.75 -1.61
C PHE A 38 -1.70 -6.21 -2.54
N ALA A 39 -1.40 -7.09 -3.46
CA ALA A 39 -2.45 -7.61 -4.39
C ALA A 39 -3.49 -8.44 -3.63
N ARG A 40 -3.07 -9.16 -2.61
CA ARG A 40 -4.02 -9.99 -1.82
C ARG A 40 -4.92 -9.10 -0.95
N MET A 41 -4.37 -8.06 -0.37
CA MET A 41 -5.19 -7.15 0.49
C MET A 41 -6.31 -6.48 -0.31
N HIS A 42 -6.13 -6.34 -1.60
CA HIS A 42 -7.18 -5.69 -2.44
C HIS A 42 -8.53 -6.42 -2.29
N ALA A 43 -8.52 -7.73 -2.32
CA ALA A 43 -9.79 -8.51 -2.17
C ALA A 43 -10.21 -8.62 -0.70
N GLU A 44 -9.27 -8.60 0.20
CA GLU A 44 -9.60 -8.73 1.66
C GLU A 44 -10.09 -7.38 2.23
N GLY A 45 -9.66 -6.27 1.66
CA GLY A 45 -10.12 -4.94 2.17
C GLY A 45 -9.37 -4.59 3.47
N ARG A 46 -8.07 -4.79 3.49
CA ARG A 46 -7.28 -4.45 4.71
C ARG A 46 -6.33 -3.30 4.41
N PRO A 47 -5.85 -2.65 5.46
CA PRO A 47 -4.91 -1.52 5.28
C PRO A 47 -3.56 -1.98 4.73
N VAL A 48 -3.11 -1.34 3.68
CA VAL A 48 -1.80 -1.70 3.05
C VAL A 48 -1.04 -0.42 2.76
N ASP A 49 0.12 -0.25 3.33
CA ASP A 49 0.89 1.02 3.10
C ASP A 49 1.37 1.09 1.64
N ILE A 50 0.54 1.59 0.76
CA ILE A 50 0.97 1.71 -0.66
C ILE A 50 2.02 2.81 -0.77
N LEU A 51 1.88 3.83 0.05
CA LEU A 51 2.88 4.95 0.03
C LEU A 51 4.29 4.37 0.21
N ALA A 52 4.44 3.41 1.09
CA ALA A 52 5.77 2.77 1.29
C ALA A 52 6.33 2.35 -0.09
N VAL A 53 5.45 1.87 -0.94
CA VAL A 53 5.88 1.44 -2.31
C VAL A 53 5.94 2.63 -3.29
N THR A 54 5.42 3.78 -2.94
CA THR A 54 5.45 4.95 -3.87
C THR A 54 6.63 5.88 -3.53
N GLY A 55 7.68 5.37 -2.95
CA GLY A 55 8.86 6.23 -2.60
C GLY A 55 9.43 6.86 -3.87
N ASN A 56 10.28 6.15 -4.57
CA ASN A 56 10.89 6.69 -5.82
C ASN A 56 11.52 5.56 -6.65
N MET A 57 10.75 4.55 -6.96
CA MET A 57 11.29 3.41 -7.75
C MET A 57 10.15 2.59 -8.37
N ASP A 58 9.21 3.23 -9.02
CA ASP A 58 8.08 2.49 -9.63
C ASP A 58 7.44 3.29 -10.77
N GLU A 59 7.69 2.89 -11.99
CA GLU A 59 7.08 3.62 -13.16
C GLU A 59 5.70 3.04 -13.46
N GLU A 60 5.57 1.74 -13.49
CA GLU A 60 4.25 1.11 -13.76
C GLU A 60 3.30 1.33 -12.58
N HIS A 61 3.84 1.61 -11.41
CA HIS A 61 2.99 1.84 -10.21
C HIS A 61 1.98 2.99 -10.44
N ARG A 62 2.25 3.87 -11.39
CA ARG A 62 1.30 4.99 -11.67
C ARG A 62 -0.12 4.47 -11.91
N THR A 63 -0.29 3.63 -12.91
CA THR A 63 -1.66 3.06 -13.18
C THR A 63 -2.05 2.09 -12.06
N TRP A 64 -1.08 1.38 -11.52
CA TRP A 64 -1.38 0.42 -10.42
C TRP A 64 -2.02 1.18 -9.25
N PHE A 65 -1.47 2.30 -8.86
CA PHE A 65 -2.06 3.06 -7.72
C PHE A 65 -3.40 3.70 -8.13
N CYS A 66 -3.66 3.90 -9.40
CA CYS A 66 -4.98 4.49 -9.78
C CYS A 66 -6.10 3.64 -9.18
N ALA A 67 -6.10 2.36 -9.50
CA ALA A 67 -7.13 1.44 -8.95
C ALA A 67 -6.85 1.12 -7.46
N ARG A 68 -5.61 1.24 -7.04
CA ARG A 68 -5.27 0.95 -5.61
C ARG A 68 -5.43 2.22 -4.75
N TYR A 69 -5.55 3.36 -5.38
CA TYR A 69 -5.72 4.64 -4.64
C TYR A 69 -7.09 4.62 -4.00
N ALA A 70 -8.08 4.42 -4.82
CA ALA A 70 -9.48 4.36 -4.33
C ALA A 70 -9.65 3.15 -3.40
N TRP A 71 -9.10 2.03 -3.79
CA TRP A 71 -9.19 0.81 -2.94
C TRP A 71 -8.62 1.14 -1.56
N TYR A 72 -7.37 1.55 -1.50
CA TYR A 72 -6.74 1.89 -0.19
C TYR A 72 -7.54 3.02 0.49
N CYS A 73 -8.09 3.92 -0.27
CA CYS A 73 -8.86 5.04 0.35
C CYS A 73 -10.07 4.51 1.14
N GLN A 74 -10.85 3.63 0.56
CA GLN A 74 -12.06 3.11 1.29
C GLN A 74 -11.67 2.02 2.32
N GLN A 75 -10.75 1.15 2.02
CA GLN A 75 -10.37 0.07 3.00
C GLN A 75 -9.62 0.65 4.20
N MET A 76 -8.75 1.62 3.99
CA MET A 76 -8.01 2.22 5.14
C MET A 76 -8.96 3.08 5.97
N MET A 77 -9.92 3.70 5.34
CA MET A 77 -10.91 4.53 6.09
C MET A 77 -11.60 3.65 7.14
N GLN A 78 -11.77 2.40 6.81
CA GLN A 78 -12.43 1.44 7.76
C GLN A 78 -11.38 0.78 8.67
N ALA A 79 -10.12 0.83 8.30
CA ALA A 79 -9.06 0.19 9.14
C ALA A 79 -8.54 1.20 10.17
N ARG A 80 -8.02 2.32 9.70
CA ARG A 80 -7.51 3.40 10.62
C ARG A 80 -6.39 2.88 11.57
N GLU A 81 -5.46 3.74 11.91
CA GLU A 81 -4.35 3.34 12.84
C GLU A 81 -3.65 2.05 12.39
N LEU A 82 -3.37 1.91 11.13
CA LEU A 82 -2.69 0.66 10.65
C LEU A 82 -2.21 0.83 9.21
N GLU A 83 -0.93 0.63 8.97
CA GLU A 83 -0.36 0.76 7.59
C GLU A 83 -0.77 2.09 6.96
N LEU A 84 -0.41 3.19 7.57
CA LEU A 84 -0.77 4.52 7.02
C LEU A 84 0.45 5.20 6.40
N GLU A 85 1.53 5.29 7.14
CA GLU A 85 2.77 5.94 6.60
C GLU A 85 3.93 4.93 6.52
N HIS A 86 4.12 4.15 7.56
CA HIS A 86 5.24 3.15 7.54
C HIS A 86 4.78 1.85 6.89
N MET A 21 10.19 8.76 6.85
CA MET A 21 8.95 8.09 6.32
C MET A 21 9.33 7.03 5.27
N ASP A 22 9.50 5.80 5.70
CA ASP A 22 9.87 4.71 4.75
C ASP A 22 11.17 5.07 4.01
N HIS A 23 12.29 4.78 4.61
CA HIS A 23 13.61 5.10 3.98
C HIS A 23 13.86 4.23 2.74
N SER A 24 15.00 4.40 2.12
CA SER A 24 15.33 3.59 0.91
C SER A 24 15.37 2.09 1.26
N LEU A 25 16.09 1.73 2.29
CA LEU A 25 16.16 0.29 2.71
C LEU A 25 14.83 -0.17 3.33
N ASN A 26 14.07 0.76 3.89
CA ASN A 26 12.76 0.38 4.50
C ASN A 26 11.71 0.18 3.42
N SER A 27 11.67 1.06 2.44
CA SER A 27 10.67 0.93 1.33
C SER A 27 10.87 -0.38 0.57
N LEU A 28 12.10 -0.76 0.34
CA LEU A 28 12.36 -2.04 -0.40
C LEU A 28 11.97 -3.26 0.46
N ASN A 29 12.17 -3.18 1.76
CA ASN A 29 11.82 -4.32 2.66
C ASN A 29 10.31 -4.63 2.56
N ASN A 30 9.48 -3.64 2.79
CA ASN A 30 8.00 -3.88 2.70
C ASN A 30 7.58 -4.09 1.24
N PHE A 31 8.32 -3.57 0.30
CA PHE A 31 7.95 -3.75 -1.13
C PHE A 31 7.92 -5.23 -1.52
N ASP A 32 8.72 -6.05 -0.88
CA ASP A 32 8.73 -7.51 -1.22
C ASP A 32 7.67 -8.27 -0.40
N PHE A 33 7.72 -8.17 0.90
CA PHE A 33 6.72 -8.89 1.76
C PHE A 33 5.31 -8.32 1.52
N LEU A 34 5.18 -7.02 1.48
CA LEU A 34 3.82 -6.44 1.24
C LEU A 34 3.41 -6.61 -0.23
N ALA A 35 4.35 -6.73 -1.15
CA ALA A 35 3.97 -6.89 -2.59
C ALA A 35 2.93 -8.02 -2.73
N ARG A 36 3.23 -9.17 -2.19
CA ARG A 36 2.27 -10.32 -2.28
C ARG A 36 1.03 -10.05 -1.41
N SER A 37 1.18 -9.32 -0.32
CA SER A 37 0.02 -9.02 0.56
C SER A 37 -0.80 -7.83 0.02
N PHE A 38 -0.15 -6.94 -0.71
CA PHE A 38 -0.89 -5.77 -1.29
C PHE A 38 -2.01 -6.27 -2.21
N ALA A 39 -1.68 -7.16 -3.11
CA ALA A 39 -2.72 -7.72 -4.04
C ALA A 39 -3.75 -8.54 -3.26
N ARG A 40 -3.30 -9.27 -2.25
CA ARG A 40 -4.24 -10.09 -1.43
C ARG A 40 -5.18 -9.17 -0.63
N MET A 41 -4.65 -8.10 -0.09
CA MET A 41 -5.48 -7.15 0.70
C MET A 41 -6.49 -6.43 -0.23
N HIS A 42 -6.22 -6.39 -1.52
CA HIS A 42 -7.16 -5.72 -2.46
C HIS A 42 -8.51 -6.44 -2.47
N ALA A 43 -8.51 -7.75 -2.48
CA ALA A 43 -9.78 -8.52 -2.49
C ALA A 43 -10.36 -8.62 -1.06
N GLU A 44 -9.51 -8.67 -0.07
CA GLU A 44 -10.00 -8.76 1.35
C GLU A 44 -10.53 -7.41 1.84
N GLY A 45 -10.03 -6.33 1.29
CA GLY A 45 -10.50 -4.98 1.73
C GLY A 45 -9.85 -4.62 3.06
N ARG A 46 -8.57 -4.90 3.21
CA ARG A 46 -7.87 -4.56 4.48
C ARG A 46 -6.91 -3.39 4.27
N PRO A 47 -6.52 -2.77 5.36
CA PRO A 47 -5.59 -1.60 5.28
C PRO A 47 -4.18 -2.05 4.88
N VAL A 48 -3.61 -1.38 3.91
CA VAL A 48 -2.24 -1.73 3.42
C VAL A 48 -1.44 -0.43 3.27
N ASP A 49 -0.25 -0.37 3.82
CA ASP A 49 0.54 0.89 3.72
C ASP A 49 1.06 1.09 2.29
N ILE A 50 0.28 1.70 1.45
CA ILE A 50 0.75 1.94 0.05
C ILE A 50 1.89 2.96 0.09
N LEU A 51 1.86 3.87 1.02
CA LEU A 51 2.97 4.88 1.14
C LEU A 51 4.30 4.13 1.16
N ALA A 52 4.35 3.03 1.88
CA ALA A 52 5.60 2.23 1.92
C ALA A 52 6.05 1.91 0.49
N VAL A 53 5.10 1.64 -0.36
CA VAL A 53 5.42 1.33 -1.79
C VAL A 53 5.65 2.61 -2.61
N THR A 54 5.16 3.74 -2.16
CA THR A 54 5.36 5.01 -2.94
C THR A 54 6.70 5.67 -2.57
N GLY A 55 7.30 5.29 -1.46
CA GLY A 55 8.61 5.88 -1.05
C GLY A 55 9.66 5.59 -2.13
N ASN A 56 9.64 4.41 -2.69
CA ASN A 56 10.63 4.05 -3.74
C ASN A 56 10.23 4.67 -5.09
N MET A 57 8.94 4.85 -5.33
CA MET A 57 8.47 5.45 -6.63
C MET A 57 8.92 4.59 -7.81
N ASP A 58 8.11 3.65 -8.22
CA ASP A 58 8.49 2.78 -9.37
C ASP A 58 7.62 3.08 -10.60
N GLU A 59 8.11 2.75 -11.77
CA GLU A 59 7.32 3.00 -13.02
C GLU A 59 6.00 2.22 -12.95
N GLU A 60 6.06 0.98 -12.53
CA GLU A 60 4.82 0.17 -12.42
C GLU A 60 3.96 0.67 -11.26
N HIS A 61 4.57 1.25 -10.25
CA HIS A 61 3.79 1.78 -9.09
C HIS A 61 2.84 2.91 -9.52
N ARG A 62 3.17 3.63 -10.58
CA ARG A 62 2.28 4.74 -11.04
C ARG A 62 0.88 4.19 -11.36
N THR A 63 0.77 3.34 -12.36
CA THR A 63 -0.56 2.77 -12.71
C THR A 63 -1.06 1.86 -11.57
N TRP A 64 -0.15 1.24 -10.86
CA TRP A 64 -0.56 0.37 -9.72
C TRP A 64 -1.31 1.19 -8.68
N PHE A 65 -0.77 2.32 -8.27
CA PHE A 65 -1.48 3.15 -7.26
C PHE A 65 -2.77 3.74 -7.83
N CYS A 66 -2.90 3.85 -9.13
CA CYS A 66 -4.18 4.40 -9.68
C CYS A 66 -5.34 3.54 -9.16
N ALA A 67 -5.29 2.26 -9.41
CA ALA A 67 -6.35 1.34 -8.90
C ALA A 67 -6.18 1.10 -7.40
N ARG A 68 -4.98 1.28 -6.89
CA ARG A 68 -4.75 1.09 -5.42
C ARG A 68 -5.05 2.39 -4.64
N TYR A 69 -5.21 3.48 -5.34
CA TYR A 69 -5.51 4.78 -4.66
C TYR A 69 -6.95 4.73 -4.19
N ALA A 70 -7.83 4.45 -5.11
CA ALA A 70 -9.28 4.36 -4.78
C ALA A 70 -9.52 3.17 -3.87
N TRP A 71 -8.97 2.03 -4.21
CA TRP A 71 -9.15 0.82 -3.37
C TRP A 71 -8.74 1.14 -1.93
N TYR A 72 -7.54 1.63 -1.74
CA TYR A 72 -7.07 1.97 -0.37
C TYR A 72 -7.96 3.08 0.23
N CYS A 73 -8.40 4.00 -0.60
CA CYS A 73 -9.27 5.12 -0.08
C CYS A 73 -10.56 4.57 0.52
N GLN A 74 -11.21 3.63 -0.14
CA GLN A 74 -12.49 3.09 0.41
C GLN A 74 -12.26 2.01 1.49
N GLN A 75 -11.18 1.25 1.40
CA GLN A 75 -10.94 0.18 2.44
C GLN A 75 -10.33 0.79 3.72
N MET A 76 -9.45 1.75 3.61
CA MET A 76 -8.84 2.35 4.84
C MET A 76 -9.86 3.23 5.56
N MET A 77 -10.66 3.98 4.82
CA MET A 77 -11.68 4.85 5.49
C MET A 77 -12.72 3.97 6.21
N GLN A 78 -12.95 2.78 5.69
CA GLN A 78 -13.93 1.85 6.35
C GLN A 78 -13.18 0.91 7.32
N ALA A 79 -11.87 1.02 7.38
CA ALA A 79 -11.07 0.15 8.29
C ALA A 79 -10.73 0.97 9.53
N ARG A 80 -10.05 2.09 9.36
CA ARG A 80 -9.69 2.97 10.50
C ARG A 80 -9.17 2.11 11.68
N GLU A 81 -7.99 1.57 11.52
CA GLU A 81 -7.41 0.70 12.60
C GLU A 81 -5.92 0.98 12.76
N LEU A 82 -5.51 1.47 13.92
CA LEU A 82 -4.07 1.75 14.19
C LEU A 82 -3.54 2.88 13.30
N GLU A 83 -2.56 3.61 13.78
CA GLU A 83 -1.97 4.73 12.97
C GLU A 83 -1.40 4.17 11.65
N LEU A 84 -1.06 5.03 10.73
CA LEU A 84 -0.50 4.54 9.44
C LEU A 84 0.93 5.04 9.22
N GLU A 85 1.65 4.38 8.35
CA GLU A 85 3.06 4.75 8.05
C GLU A 85 3.93 4.56 9.30
N HIS A 86 4.63 3.46 9.39
CA HIS A 86 5.49 3.19 10.58
C HIS A 86 4.65 3.20 11.87
N MET A 21 12.49 8.38 5.02
CA MET A 21 11.02 8.09 4.90
C MET A 21 10.82 6.64 4.43
N ASP A 22 10.81 6.39 3.15
CA ASP A 22 10.67 4.99 2.66
C ASP A 22 11.99 4.26 2.88
N HIS A 23 13.10 4.96 2.71
CA HIS A 23 14.46 4.37 2.93
C HIS A 23 14.82 3.36 1.83
N SER A 24 16.10 3.23 1.56
CA SER A 24 16.56 2.25 0.53
C SER A 24 16.62 0.85 1.15
N LEU A 25 16.78 0.78 2.46
CA LEU A 25 16.85 -0.54 3.15
C LEU A 25 15.50 -0.89 3.79
N ASN A 26 14.83 0.07 4.39
CA ASN A 26 13.51 -0.20 5.04
C ASN A 26 12.43 -0.49 4.00
N SER A 27 12.31 0.32 2.97
CA SER A 27 11.27 0.07 1.93
C SER A 27 11.55 -1.24 1.20
N LEU A 28 12.80 -1.54 0.93
CA LEU A 28 13.14 -2.81 0.22
C LEU A 28 12.56 -4.02 0.95
N ASN A 29 12.74 -4.09 2.25
CA ASN A 29 12.20 -5.25 3.02
C ASN A 29 10.66 -5.16 3.12
N ASN A 30 10.14 -3.98 3.37
CA ASN A 30 8.65 -3.82 3.47
C ASN A 30 7.99 -4.06 2.11
N PHE A 31 8.49 -3.44 1.07
CA PHE A 31 7.89 -3.62 -0.29
C PHE A 31 7.86 -5.10 -0.69
N ASP A 32 8.87 -5.87 -0.32
CA ASP A 32 8.89 -7.32 -0.70
C ASP A 32 7.75 -8.09 -0.01
N PHE A 33 7.74 -8.10 1.31
CA PHE A 33 6.67 -8.84 2.05
C PHE A 33 5.30 -8.21 1.78
N LEU A 34 5.22 -6.91 1.64
CA LEU A 34 3.89 -6.28 1.37
C LEU A 34 3.52 -6.42 -0.10
N ALA A 35 4.48 -6.49 -1.00
CA ALA A 35 4.14 -6.63 -2.46
C ALA A 35 3.08 -7.75 -2.63
N ARG A 36 3.34 -8.90 -2.08
CA ARG A 36 2.35 -10.03 -2.20
C ARG A 36 1.12 -9.75 -1.32
N SER A 37 1.29 -9.06 -0.22
CA SER A 37 0.12 -8.76 0.67
C SER A 37 -0.70 -7.60 0.09
N PHE A 38 -0.07 -6.69 -0.61
CA PHE A 38 -0.80 -5.53 -1.21
C PHE A 38 -1.90 -6.05 -2.13
N ALA A 39 -1.55 -6.95 -3.03
CA ALA A 39 -2.57 -7.52 -3.97
C ALA A 39 -3.58 -8.38 -3.18
N ARG A 40 -3.12 -9.09 -2.19
CA ARG A 40 -4.05 -9.94 -1.37
C ARG A 40 -5.00 -9.05 -0.56
N MET A 41 -4.49 -7.96 -0.03
CA MET A 41 -5.35 -7.02 0.77
C MET A 41 -6.45 -6.43 -0.11
N HIS A 42 -6.23 -6.37 -1.40
CA HIS A 42 -7.26 -5.81 -2.32
C HIS A 42 -8.57 -6.62 -2.24
N ALA A 43 -8.47 -7.92 -2.14
CA ALA A 43 -9.70 -8.76 -2.04
C ALA A 43 -10.28 -8.75 -0.62
N GLU A 44 -9.44 -8.67 0.39
CA GLU A 44 -9.94 -8.67 1.80
C GLU A 44 -10.45 -7.27 2.19
N GLY A 45 -9.94 -6.23 1.58
CA GLY A 45 -10.39 -4.85 1.93
C GLY A 45 -9.74 -4.40 3.24
N ARG A 46 -8.45 -4.60 3.38
CA ARG A 46 -7.75 -4.17 4.63
C ARG A 46 -6.81 -2.99 4.35
N PRO A 47 -6.45 -2.29 5.39
CA PRO A 47 -5.55 -1.12 5.25
C PRO A 47 -4.12 -1.56 4.92
N VAL A 48 -3.55 -1.01 3.88
CA VAL A 48 -2.17 -1.37 3.45
C VAL A 48 -1.38 -0.07 3.23
N ASP A 49 -0.20 0.03 3.78
CA ASP A 49 0.57 1.30 3.60
C ASP A 49 1.10 1.43 2.16
N ILE A 50 0.29 1.98 1.28
CA ILE A 50 0.75 2.16 -0.12
C ILE A 50 1.87 3.19 -0.15
N LEU A 51 1.86 4.12 0.78
CA LEU A 51 2.95 5.15 0.83
C LEU A 51 4.31 4.44 0.81
N ALA A 52 4.44 3.37 1.57
CA ALA A 52 5.71 2.60 1.58
C ALA A 52 6.05 2.19 0.13
N VAL A 53 5.05 1.89 -0.65
CA VAL A 53 5.26 1.47 -2.07
C VAL A 53 5.44 2.69 -3.01
N THR A 54 5.00 3.85 -2.63
CA THR A 54 5.13 5.04 -3.53
C THR A 54 6.53 5.67 -3.45
N GLY A 55 7.26 5.43 -2.39
CA GLY A 55 8.63 6.02 -2.27
C GLY A 55 9.62 5.27 -3.16
N ASN A 56 9.64 3.96 -3.06
CA ASN A 56 10.59 3.16 -3.91
C ASN A 56 10.03 2.99 -5.33
N MET A 57 8.77 2.67 -5.45
CA MET A 57 8.17 2.50 -6.81
C MET A 57 7.52 3.80 -7.29
N ASP A 58 7.66 4.12 -8.56
CA ASP A 58 7.05 5.37 -9.10
C ASP A 58 6.68 5.21 -10.58
N GLU A 59 7.60 4.76 -11.40
CA GLU A 59 7.30 4.58 -12.87
C GLU A 59 6.07 3.68 -13.03
N GLU A 60 6.17 2.45 -12.60
CA GLU A 60 5.00 1.52 -12.71
C GLU A 60 4.03 1.78 -11.54
N HIS A 61 4.48 2.46 -10.50
CA HIS A 61 3.61 2.76 -9.34
C HIS A 61 2.43 3.65 -9.75
N ARG A 62 2.61 4.50 -10.74
CA ARG A 62 1.49 5.39 -11.18
C ARG A 62 0.28 4.53 -11.61
N THR A 63 0.52 3.55 -12.45
CA THR A 63 -0.59 2.66 -12.90
C THR A 63 -1.04 1.77 -11.73
N TRP A 64 -0.09 1.23 -10.99
CA TRP A 64 -0.44 0.36 -9.83
C TRP A 64 -1.27 1.15 -8.81
N PHE A 65 -0.83 2.33 -8.42
CA PHE A 65 -1.62 3.12 -7.43
C PHE A 65 -2.93 3.60 -8.02
N CYS A 66 -3.06 3.70 -9.33
CA CYS A 66 -4.37 4.16 -9.90
C CYS A 66 -5.48 3.22 -9.39
N ALA A 67 -5.32 1.94 -9.62
CA ALA A 67 -6.33 0.94 -9.12
C ALA A 67 -6.20 0.75 -7.60
N ARG A 68 -5.04 1.01 -7.04
CA ARG A 68 -4.86 0.85 -5.56
C ARG A 68 -5.22 2.16 -4.83
N TYR A 69 -5.40 3.23 -5.55
CA TYR A 69 -5.77 4.53 -4.92
C TYR A 69 -7.22 4.42 -4.46
N ALA A 70 -8.08 4.10 -5.39
CA ALA A 70 -9.52 3.96 -5.07
C ALA A 70 -9.72 2.80 -4.09
N TRP A 71 -9.06 1.70 -4.32
CA TRP A 71 -9.19 0.54 -3.40
C TRP A 71 -8.82 0.96 -1.99
N TYR A 72 -7.65 1.54 -1.82
CA TYR A 72 -7.23 2.00 -0.46
C TYR A 72 -8.21 3.06 0.05
N CYS A 73 -8.71 3.89 -0.83
CA CYS A 73 -9.66 4.96 -0.41
C CYS A 73 -10.95 4.36 0.18
N GLN A 74 -11.51 3.35 -0.45
CA GLN A 74 -12.78 2.75 0.10
C GLN A 74 -12.50 1.75 1.23
N GLN A 75 -11.39 1.03 1.20
CA GLN A 75 -11.11 0.04 2.30
C GLN A 75 -10.68 0.77 3.58
N MET A 76 -9.90 1.83 3.47
CA MET A 76 -9.47 2.57 4.70
C MET A 76 -10.68 3.28 5.32
N MET A 77 -11.61 3.71 4.50
CA MET A 77 -12.83 4.39 5.04
C MET A 77 -13.60 3.44 5.95
N GLN A 78 -13.65 2.17 5.59
CA GLN A 78 -14.36 1.16 6.44
C GLN A 78 -13.41 0.51 7.45
N ALA A 79 -12.13 0.82 7.38
CA ALA A 79 -11.16 0.22 8.33
C ALA A 79 -10.82 1.26 9.40
N ARG A 80 -10.31 2.41 8.98
CA ARG A 80 -9.97 3.51 9.95
C ARG A 80 -9.19 2.92 11.14
N GLU A 81 -8.05 2.32 10.86
CA GLU A 81 -7.23 1.72 11.95
C GLU A 81 -5.75 1.76 11.57
N LEU A 82 -4.89 2.11 12.49
CA LEU A 82 -3.41 2.19 12.22
C LEU A 82 -3.10 3.35 11.26
N GLU A 83 -3.49 3.26 10.01
CA GLU A 83 -3.23 4.36 9.04
C GLU A 83 -4.30 5.45 9.16
N LEU A 84 -3.97 6.67 8.81
CA LEU A 84 -4.98 7.77 8.91
C LEU A 84 -5.50 8.16 7.53
N GLU A 85 -6.80 8.30 7.40
CA GLU A 85 -7.40 8.71 6.09
C GLU A 85 -8.41 9.83 6.35
N HIS A 86 -8.48 10.79 5.45
CA HIS A 86 -9.44 11.94 5.64
C HIS A 86 -9.14 12.67 6.96
N MET A 21 9.49 3.07 3.78
CA MET A 21 9.01 4.47 3.67
C MET A 21 10.18 5.43 3.43
N ASP A 22 10.46 5.75 2.18
CA ASP A 22 11.60 6.67 1.87
C ASP A 22 12.87 6.20 2.57
N HIS A 23 13.10 4.90 2.58
CA HIS A 23 14.31 4.35 3.25
C HIS A 23 15.11 3.46 2.29
N SER A 24 16.26 2.99 2.71
CA SER A 24 17.08 2.11 1.84
C SER A 24 16.83 0.64 2.20
N LEU A 25 17.02 0.28 3.45
CA LEU A 25 16.78 -1.14 3.88
C LEU A 25 15.37 -1.33 4.45
N ASN A 26 14.76 -0.28 4.96
CA ASN A 26 13.38 -0.41 5.52
C ASN A 26 12.35 -0.50 4.40
N SER A 27 12.47 0.33 3.40
CA SER A 27 11.50 0.30 2.26
C SER A 27 11.67 -0.99 1.45
N LEU A 28 12.89 -1.47 1.30
CA LEU A 28 13.11 -2.72 0.53
C LEU A 28 12.48 -3.93 1.24
N ASN A 29 12.70 -4.06 2.52
CA ASN A 29 12.11 -5.20 3.28
C ASN A 29 10.57 -5.10 3.31
N ASN A 30 10.05 -3.93 3.54
CA ASN A 30 8.57 -3.76 3.58
C ASN A 30 7.96 -3.99 2.20
N PHE A 31 8.51 -3.38 1.17
CA PHE A 31 7.95 -3.56 -0.21
C PHE A 31 7.94 -5.04 -0.61
N ASP A 32 8.91 -5.82 -0.21
CA ASP A 32 8.95 -7.26 -0.60
C ASP A 32 7.81 -8.04 0.08
N PHE A 33 7.78 -8.03 1.39
CA PHE A 33 6.71 -8.78 2.12
C PHE A 33 5.32 -8.19 1.82
N LEU A 34 5.23 -6.89 1.65
CA LEU A 34 3.91 -6.28 1.34
C LEU A 34 3.56 -6.46 -0.14
N ALA A 35 4.54 -6.50 -1.01
CA ALA A 35 4.22 -6.68 -2.48
C ALA A 35 3.21 -7.82 -2.65
N ARG A 36 3.47 -8.96 -2.03
CA ARG A 36 2.53 -10.11 -2.12
C ARG A 36 1.24 -9.80 -1.34
N SER A 37 1.34 -9.15 -0.20
CA SER A 37 0.12 -8.82 0.60
C SER A 37 -0.67 -7.67 -0.05
N PHE A 38 0.00 -6.75 -0.70
CA PHE A 38 -0.70 -5.59 -1.36
C PHE A 38 -1.78 -6.10 -2.31
N ALA A 39 -1.41 -6.96 -3.23
CA ALA A 39 -2.41 -7.51 -4.19
C ALA A 39 -3.48 -8.32 -3.44
N ARG A 40 -3.10 -8.98 -2.37
CA ARG A 40 -4.08 -9.80 -1.58
C ARG A 40 -5.02 -8.88 -0.79
N MET A 41 -4.51 -7.82 -0.22
CA MET A 41 -5.38 -6.88 0.57
C MET A 41 -6.44 -6.24 -0.34
N HIS A 42 -6.18 -6.20 -1.63
CA HIS A 42 -7.17 -5.59 -2.59
C HIS A 42 -8.52 -6.32 -2.49
N ALA A 43 -8.50 -7.62 -2.36
CA ALA A 43 -9.77 -8.39 -2.25
C ALA A 43 -10.23 -8.47 -0.79
N GLU A 44 -9.30 -8.51 0.14
CA GLU A 44 -9.68 -8.60 1.59
C GLU A 44 -10.26 -7.26 2.08
N GLY A 45 -9.87 -6.16 1.49
CA GLY A 45 -10.40 -4.83 1.94
C GLY A 45 -9.69 -4.41 3.24
N ARG A 46 -8.42 -4.67 3.36
CA ARG A 46 -7.66 -4.28 4.59
C ARG A 46 -6.71 -3.12 4.28
N PRO A 47 -6.35 -2.38 5.31
CA PRO A 47 -5.43 -1.21 5.14
C PRO A 47 -4.02 -1.66 4.75
N VAL A 48 -3.46 -1.02 3.75
CA VAL A 48 -2.08 -1.36 3.27
C VAL A 48 -1.30 -0.08 3.05
N ASP A 49 -0.11 0.00 3.59
CA ASP A 49 0.70 1.25 3.43
C ASP A 49 1.14 1.41 1.96
N ILE A 50 0.32 2.00 1.13
CA ILE A 50 0.72 2.20 -0.29
C ILE A 50 1.81 3.26 -0.36
N LEU A 51 1.77 4.25 0.51
CA LEU A 51 2.83 5.30 0.51
C LEU A 51 4.20 4.62 0.55
N ALA A 52 4.32 3.56 1.32
CA ALA A 52 5.60 2.81 1.39
C ALA A 52 5.99 2.36 -0.03
N VAL A 53 5.01 1.99 -0.83
CA VAL A 53 5.27 1.54 -2.22
C VAL A 53 5.46 2.73 -3.18
N THR A 54 4.88 3.87 -2.86
CA THR A 54 5.03 5.06 -3.77
C THR A 54 6.43 5.67 -3.64
N GLY A 55 7.06 5.54 -2.49
CA GLY A 55 8.43 6.08 -2.31
C GLY A 55 9.46 5.15 -2.98
N ASN A 56 9.13 3.88 -3.11
CA ASN A 56 10.09 2.92 -3.74
C ASN A 56 10.06 3.07 -5.27
N MET A 57 8.95 2.78 -5.91
CA MET A 57 8.86 2.92 -7.39
C MET A 57 7.79 3.95 -7.78
N ASP A 58 7.84 4.43 -9.00
CA ASP A 58 6.84 5.43 -9.45
C ASP A 58 6.41 5.17 -10.91
N GLU A 59 7.33 4.84 -11.77
CA GLU A 59 6.98 4.57 -13.21
C GLU A 59 5.87 3.52 -13.28
N GLU A 60 6.10 2.36 -12.72
CA GLU A 60 5.05 1.29 -12.73
C GLU A 60 3.98 1.62 -11.67
N HIS A 61 4.36 2.35 -10.65
CA HIS A 61 3.39 2.72 -9.57
C HIS A 61 2.24 3.58 -10.14
N ARG A 62 2.44 4.21 -11.28
CA ARG A 62 1.36 5.07 -11.87
C ARG A 62 0.06 4.27 -12.04
N THR A 63 0.09 3.21 -12.82
CA THR A 63 -1.15 2.38 -13.01
C THR A 63 -1.43 1.55 -11.76
N TRP A 64 -0.40 1.14 -11.05
CA TRP A 64 -0.60 0.34 -9.81
C TRP A 64 -1.43 1.14 -8.79
N PHE A 65 -1.02 2.36 -8.48
CA PHE A 65 -1.81 3.15 -7.50
C PHE A 65 -3.15 3.61 -8.09
N CYS A 66 -3.31 3.60 -9.40
CA CYS A 66 -4.62 4.03 -9.97
C CYS A 66 -5.74 3.17 -9.36
N ALA A 67 -5.64 1.87 -9.54
CA ALA A 67 -6.66 0.94 -8.95
C ALA A 67 -6.44 0.80 -7.44
N ARG A 68 -5.24 1.08 -6.96
CA ARG A 68 -4.95 0.96 -5.50
C ARG A 68 -5.31 2.28 -4.78
N TYR A 69 -5.52 3.34 -5.52
CA TYR A 69 -5.88 4.64 -4.91
C TYR A 69 -7.30 4.54 -4.39
N ALA A 70 -8.19 4.21 -5.29
CA ALA A 70 -9.63 4.05 -4.92
C ALA A 70 -9.79 2.89 -3.94
N TRP A 71 -9.13 1.80 -4.20
CA TRP A 71 -9.22 0.62 -3.28
C TRP A 71 -8.81 1.05 -1.87
N TYR A 72 -7.62 1.56 -1.71
CA TYR A 72 -7.17 2.02 -0.37
C TYR A 72 -8.14 3.07 0.18
N CYS A 73 -8.69 3.89 -0.68
CA CYS A 73 -9.64 4.94 -0.23
C CYS A 73 -10.89 4.32 0.40
N GLN A 74 -11.48 3.33 -0.23
CA GLN A 74 -12.71 2.68 0.35
C GLN A 74 -12.37 1.64 1.44
N GLN A 75 -11.24 0.99 1.36
CA GLN A 75 -10.90 -0.03 2.41
C GLN A 75 -10.34 0.63 3.67
N MET A 76 -9.57 1.69 3.54
CA MET A 76 -9.00 2.35 4.77
C MET A 76 -10.13 3.04 5.54
N MET A 77 -11.00 3.75 4.86
CA MET A 77 -12.12 4.43 5.59
C MET A 77 -12.99 3.36 6.27
N GLN A 78 -13.06 2.18 5.72
CA GLN A 78 -13.87 1.08 6.36
C GLN A 78 -12.98 0.26 7.31
N ALA A 79 -11.68 0.52 7.31
CA ALA A 79 -10.75 -0.24 8.22
C ALA A 79 -10.61 0.46 9.57
N ARG A 80 -10.99 1.72 9.66
CA ARG A 80 -10.88 2.47 10.94
C ARG A 80 -11.88 1.91 11.96
N GLU A 81 -11.48 0.93 12.72
CA GLU A 81 -12.38 0.30 13.74
C GLU A 81 -11.57 -0.69 14.60
N LEU A 82 -10.84 -1.57 13.98
CA LEU A 82 -10.01 -2.56 14.73
C LEU A 82 -8.55 -2.46 14.28
N GLU A 83 -8.31 -2.58 13.00
CA GLU A 83 -6.91 -2.49 12.49
C GLU A 83 -6.79 -1.32 11.51
N LEU A 84 -6.15 -0.26 11.94
CA LEU A 84 -5.99 0.93 11.04
C LEU A 84 -4.57 0.99 10.48
N GLU A 85 -4.44 1.42 9.24
CA GLU A 85 -3.08 1.52 8.60
C GLU A 85 -2.41 0.13 8.53
N HIS A 86 -1.10 0.11 8.41
CA HIS A 86 -0.36 -1.19 8.32
C HIS A 86 -0.86 -2.02 7.13
N MET A 21 14.16 9.90 -0.96
CA MET A 21 15.40 9.12 -0.63
C MET A 21 15.05 7.68 -0.23
N ASP A 22 14.17 7.50 0.72
CA ASP A 22 13.79 6.13 1.19
C ASP A 22 15.02 5.39 1.71
N HIS A 23 14.94 4.09 1.87
CA HIS A 23 16.12 3.32 2.40
C HIS A 23 16.49 2.17 1.46
N SER A 24 17.74 1.75 1.50
CA SER A 24 18.19 0.63 0.61
C SER A 24 17.68 -0.72 1.15
N LEU A 25 17.85 -0.96 2.43
CA LEU A 25 17.38 -2.25 3.03
C LEU A 25 16.05 -2.06 3.76
N ASN A 26 15.89 -0.98 4.48
CA ASN A 26 14.63 -0.74 5.25
C ASN A 26 13.41 -0.66 4.32
N SER A 27 13.50 0.12 3.27
CA SER A 27 12.35 0.24 2.32
C SER A 27 12.13 -1.07 1.58
N LEU A 28 13.18 -1.68 1.09
CA LEU A 28 13.04 -2.98 0.35
C LEU A 28 12.37 -4.03 1.26
N ASN A 29 12.55 -3.91 2.55
CA ASN A 29 11.93 -4.90 3.50
C ASN A 29 10.40 -4.75 3.50
N ASN A 30 9.90 -3.56 3.72
CA ASN A 30 8.41 -3.37 3.74
C ASN A 30 7.83 -3.40 2.32
N PHE A 31 8.63 -3.12 1.32
CA PHE A 31 8.11 -3.12 -0.08
C PHE A 31 7.95 -4.56 -0.60
N ASP A 32 8.90 -5.43 -0.34
CA ASP A 32 8.81 -6.84 -0.82
C ASP A 32 7.72 -7.61 -0.07
N PHE A 33 7.75 -7.58 1.24
CA PHE A 33 6.72 -8.33 2.03
C PHE A 33 5.31 -7.79 1.74
N LEU A 34 5.17 -6.49 1.63
CA LEU A 34 3.81 -5.94 1.33
C LEU A 34 3.48 -6.10 -0.15
N ALA A 35 4.47 -6.20 -1.02
CA ALA A 35 4.17 -6.36 -2.48
C ALA A 35 3.15 -7.50 -2.67
N ARG A 36 3.43 -8.66 -2.15
CA ARG A 36 2.47 -9.80 -2.28
C ARG A 36 1.22 -9.57 -1.43
N SER A 37 1.35 -8.87 -0.32
CA SER A 37 0.15 -8.60 0.53
C SER A 37 -0.69 -7.45 -0.05
N PHE A 38 -0.06 -6.54 -0.78
CA PHE A 38 -0.81 -5.40 -1.40
C PHE A 38 -1.89 -5.95 -2.33
N ALA A 39 -1.54 -6.88 -3.19
CA ALA A 39 -2.53 -7.48 -4.13
C ALA A 39 -3.49 -8.39 -3.36
N ARG A 40 -3.01 -9.07 -2.35
CA ARG A 40 -3.90 -9.98 -1.55
C ARG A 40 -4.90 -9.16 -0.71
N MET A 41 -4.42 -8.11 -0.07
CA MET A 41 -5.34 -7.25 0.76
C MET A 41 -6.37 -6.55 -0.13
N HIS A 42 -6.08 -6.43 -1.41
CA HIS A 42 -7.05 -5.76 -2.34
C HIS A 42 -8.38 -6.53 -2.36
N ALA A 43 -8.33 -7.84 -2.37
CA ALA A 43 -9.59 -8.65 -2.37
C ALA A 43 -10.12 -8.84 -0.94
N GLU A 44 -9.23 -8.87 0.03
CA GLU A 44 -9.67 -9.06 1.45
C GLU A 44 -10.34 -7.78 1.99
N GLY A 45 -9.99 -6.63 1.46
CA GLY A 45 -10.60 -5.36 1.95
C GLY A 45 -9.88 -4.89 3.22
N ARG A 46 -8.59 -5.09 3.30
CA ARG A 46 -7.83 -4.66 4.51
C ARG A 46 -6.99 -3.42 4.17
N PRO A 47 -6.69 -2.63 5.19
CA PRO A 47 -5.90 -1.39 4.99
C PRO A 47 -4.43 -1.71 4.66
N VAL A 48 -3.94 -1.22 3.55
CA VAL A 48 -2.53 -1.46 3.14
C VAL A 48 -1.86 -0.10 2.91
N ASP A 49 -0.73 0.16 3.55
CA ASP A 49 -0.07 1.50 3.36
C ASP A 49 0.55 1.60 1.96
N ILE A 50 -0.23 2.03 1.00
CA ILE A 50 0.31 2.19 -0.38
C ILE A 50 1.41 3.24 -0.39
N LEU A 51 1.26 4.28 0.41
CA LEU A 51 2.31 5.34 0.47
C LEU A 51 3.69 4.71 0.68
N ALA A 52 3.77 3.71 1.54
CA ALA A 52 5.08 3.03 1.76
C ALA A 52 5.66 2.61 0.40
N VAL A 53 4.80 2.17 -0.49
CA VAL A 53 5.26 1.75 -1.85
C VAL A 53 5.44 2.97 -2.78
N THR A 54 4.81 4.08 -2.48
CA THR A 54 4.95 5.29 -3.36
C THR A 54 6.10 6.20 -2.89
N GLY A 55 7.10 5.64 -2.24
CA GLY A 55 8.24 6.47 -1.76
C GLY A 55 9.14 6.87 -2.94
N ASN A 56 10.29 6.26 -3.07
CA ASN A 56 11.21 6.60 -4.20
C ASN A 56 11.46 5.36 -5.07
N MET A 57 10.44 4.57 -5.28
CA MET A 57 10.58 3.34 -6.12
C MET A 57 9.20 2.91 -6.63
N ASP A 58 8.62 3.68 -7.51
CA ASP A 58 7.27 3.33 -8.03
C ASP A 58 7.13 3.76 -9.51
N GLU A 59 7.76 3.03 -10.40
CA GLU A 59 7.66 3.38 -11.86
C GLU A 59 6.33 2.85 -12.40
N GLU A 60 6.03 1.60 -12.15
CA GLU A 60 4.74 1.02 -12.63
C GLU A 60 3.59 1.40 -11.68
N HIS A 61 3.90 1.97 -10.54
CA HIS A 61 2.85 2.37 -9.56
C HIS A 61 1.84 3.36 -10.18
N ARG A 62 2.18 4.01 -11.27
CA ARG A 62 1.23 4.98 -11.90
C ARG A 62 -0.13 4.31 -12.16
N THR A 63 -0.16 3.31 -13.02
CA THR A 63 -1.45 2.60 -13.32
C THR A 63 -1.84 1.72 -12.12
N TRP A 64 -0.87 1.19 -11.41
CA TRP A 64 -1.19 0.33 -10.23
C TRP A 64 -1.97 1.15 -9.19
N PHE A 65 -1.49 2.31 -8.82
CA PHE A 65 -2.21 3.13 -7.81
C PHE A 65 -3.56 3.61 -8.36
N CYS A 66 -3.74 3.71 -9.66
CA CYS A 66 -5.07 4.16 -10.18
C CYS A 66 -6.16 3.24 -9.59
N ALA A 67 -6.02 1.95 -9.82
CA ALA A 67 -7.02 0.98 -9.26
C ALA A 67 -6.79 0.78 -7.75
N ARG A 68 -5.59 1.02 -7.28
CA ARG A 68 -5.31 0.86 -5.82
C ARG A 68 -5.61 2.17 -5.06
N TYR A 69 -5.86 3.24 -5.77
CA TYR A 69 -6.17 4.54 -5.12
C TYR A 69 -7.57 4.45 -4.56
N ALA A 70 -8.50 4.17 -5.43
CA ALA A 70 -9.92 4.03 -5.00
C ALA A 70 -10.03 2.88 -4.01
N TRP A 71 -9.34 1.79 -4.28
CA TRP A 71 -9.38 0.64 -3.36
C TRP A 71 -8.89 1.10 -1.99
N TYR A 72 -7.71 1.69 -1.92
CA TYR A 72 -7.21 2.19 -0.61
C TYR A 72 -8.21 3.18 -0.02
N CYS A 73 -8.84 3.97 -0.86
CA CYS A 73 -9.84 4.96 -0.35
C CYS A 73 -10.99 4.27 0.38
N GLN A 74 -11.53 3.22 -0.19
CA GLN A 74 -12.67 2.51 0.50
C GLN A 74 -12.18 1.55 1.60
N GLN A 75 -11.01 0.97 1.46
CA GLN A 75 -10.51 0.02 2.52
C GLN A 75 -9.97 0.77 3.75
N MET A 76 -9.47 1.97 3.58
CA MET A 76 -8.94 2.73 4.76
C MET A 76 -10.08 3.49 5.45
N MET A 77 -11.01 4.03 4.71
CA MET A 77 -12.15 4.77 5.36
C MET A 77 -12.98 3.81 6.22
N GLN A 78 -13.05 2.55 5.84
CA GLN A 78 -13.82 1.56 6.66
C GLN A 78 -12.89 0.91 7.70
N ALA A 79 -11.60 1.19 7.64
CA ALA A 79 -10.64 0.60 8.61
C ALA A 79 -10.28 1.65 9.67
N ARG A 80 -9.73 2.76 9.23
CA ARG A 80 -9.35 3.87 10.16
C ARG A 80 -8.37 3.38 11.25
N GLU A 81 -7.11 3.68 11.11
CA GLU A 81 -6.12 3.25 12.15
C GLU A 81 -5.49 4.49 12.80
N LEU A 82 -4.68 4.30 13.81
CA LEU A 82 -4.04 5.47 14.49
C LEU A 82 -2.82 5.93 13.69
N GLU A 83 -2.96 6.99 12.93
CA GLU A 83 -1.82 7.53 12.11
C GLU A 83 -1.23 6.43 11.23
N LEU A 84 -2.02 5.85 10.36
CA LEU A 84 -1.51 4.77 9.46
C LEU A 84 -0.67 5.37 8.34
N GLU A 85 -1.27 6.21 7.52
CA GLU A 85 -0.52 6.84 6.40
C GLU A 85 -0.42 8.37 6.60
N HIS A 86 -0.79 8.86 7.76
CA HIS A 86 -0.72 10.33 8.02
C HIS A 86 -0.22 10.62 9.45
N MET A 21 17.27 0.98 6.73
CA MET A 21 17.46 2.04 7.76
C MET A 21 16.21 2.93 7.86
N ASP A 22 15.90 3.65 6.81
CA ASP A 22 14.69 4.53 6.84
C ASP A 22 13.85 4.35 5.57
N HIS A 23 14.44 4.55 4.41
CA HIS A 23 13.68 4.39 3.13
C HIS A 23 14.43 3.48 2.13
N SER A 24 15.71 3.26 2.34
CA SER A 24 16.48 2.39 1.38
C SER A 24 16.33 0.91 1.76
N LEU A 25 16.67 0.55 2.97
CA LEU A 25 16.56 -0.89 3.39
C LEU A 25 15.22 -1.13 4.11
N ASN A 26 14.76 -0.16 4.86
CA ASN A 26 13.47 -0.34 5.60
C ASN A 26 12.31 -0.48 4.60
N SER A 27 12.25 0.38 3.61
CA SER A 27 11.14 0.29 2.61
C SER A 27 11.33 -0.97 1.73
N LEU A 28 12.56 -1.35 1.46
CA LEU A 28 12.82 -2.57 0.63
C LEU A 28 12.26 -3.82 1.32
N ASN A 29 12.59 -4.03 2.57
CA ASN A 29 12.08 -5.23 3.31
C ASN A 29 10.55 -5.17 3.41
N ASN A 30 10.00 -4.02 3.73
CA ASN A 30 8.52 -3.89 3.84
C ASN A 30 7.87 -4.12 2.47
N PHE A 31 8.40 -3.50 1.45
CA PHE A 31 7.83 -3.66 0.07
C PHE A 31 7.84 -5.14 -0.36
N ASP A 32 8.84 -5.89 0.02
CA ASP A 32 8.90 -7.33 -0.39
C ASP A 32 7.75 -8.12 0.23
N PHE A 33 7.66 -8.17 1.54
CA PHE A 33 6.56 -8.94 2.21
C PHE A 33 5.20 -8.29 1.89
N LEU A 34 5.14 -6.99 1.73
CA LEU A 34 3.84 -6.35 1.41
C LEU A 34 3.54 -6.49 -0.08
N ALA A 35 4.54 -6.58 -0.93
CA ALA A 35 4.26 -6.72 -2.40
C ALA A 35 3.21 -7.82 -2.63
N ARG A 36 3.46 -9.01 -2.11
CA ARG A 36 2.46 -10.11 -2.28
C ARG A 36 1.21 -9.84 -1.41
N SER A 37 1.36 -9.12 -0.32
CA SER A 37 0.18 -8.81 0.55
C SER A 37 -0.65 -7.67 -0.07
N PHE A 38 -0.01 -6.72 -0.71
CA PHE A 38 -0.74 -5.58 -1.34
C PHE A 38 -1.81 -6.10 -2.29
N ALA A 39 -1.44 -7.01 -3.17
CA ALA A 39 -2.44 -7.58 -4.14
C ALA A 39 -3.52 -8.37 -3.38
N ARG A 40 -3.14 -9.08 -2.35
CA ARG A 40 -4.15 -9.86 -1.56
C ARG A 40 -5.05 -8.90 -0.76
N MET A 41 -4.49 -7.83 -0.24
CA MET A 41 -5.30 -6.83 0.53
C MET A 41 -6.37 -6.20 -0.37
N HIS A 42 -6.16 -6.21 -1.66
CA HIS A 42 -7.17 -5.62 -2.60
C HIS A 42 -8.53 -6.29 -2.41
N ALA A 43 -8.55 -7.60 -2.29
CA ALA A 43 -9.85 -8.33 -2.10
C ALA A 43 -10.19 -8.43 -0.60
N GLU A 44 -9.20 -8.42 0.26
CA GLU A 44 -9.48 -8.53 1.73
C GLU A 44 -10.06 -7.23 2.29
N GLY A 45 -9.75 -6.10 1.68
CA GLY A 45 -10.28 -4.80 2.17
C GLY A 45 -9.53 -4.37 3.44
N ARG A 46 -8.25 -4.64 3.52
CA ARG A 46 -7.47 -4.24 4.73
C ARG A 46 -6.58 -3.03 4.40
N PRO A 47 -6.27 -2.25 5.41
CA PRO A 47 -5.42 -1.04 5.20
C PRO A 47 -3.98 -1.45 4.87
N VAL A 48 -3.44 -0.88 3.82
CA VAL A 48 -2.03 -1.21 3.40
C VAL A 48 -1.26 0.10 3.17
N ASP A 49 -0.04 0.18 3.63
CA ASP A 49 0.73 1.44 3.43
C ASP A 49 1.25 1.53 1.99
N ILE A 50 0.44 2.08 1.11
CA ILE A 50 0.89 2.22 -0.31
C ILE A 50 2.04 3.22 -0.39
N LEU A 51 2.11 4.17 0.52
CA LEU A 51 3.23 5.15 0.51
C LEU A 51 4.56 4.38 0.45
N ALA A 52 4.66 3.33 1.22
CA ALA A 52 5.91 2.50 1.21
C ALA A 52 6.19 2.04 -0.24
N VAL A 53 5.14 1.71 -0.95
CA VAL A 53 5.28 1.26 -2.37
C VAL A 53 5.54 2.44 -3.32
N THR A 54 5.15 3.63 -2.95
CA THR A 54 5.37 4.82 -3.86
C THR A 54 6.79 5.37 -3.68
N GLY A 55 7.39 5.17 -2.54
CA GLY A 55 8.77 5.68 -2.31
C GLY A 55 9.76 4.94 -3.24
N ASN A 56 9.52 3.69 -3.52
CA ASN A 56 10.44 2.92 -4.40
C ASN A 56 9.91 2.87 -5.85
N MET A 57 8.63 2.70 -6.04
CA MET A 57 8.08 2.66 -7.43
C MET A 57 7.41 3.97 -7.81
N ASP A 58 7.47 4.34 -9.06
CA ASP A 58 6.82 5.62 -9.52
C ASP A 58 6.37 5.48 -10.98
N GLU A 59 7.28 5.12 -11.86
CA GLU A 59 6.90 4.94 -13.30
C GLU A 59 5.82 3.85 -13.41
N GLU A 60 6.14 2.66 -12.97
CA GLU A 60 5.14 1.55 -13.01
C GLU A 60 4.11 1.76 -11.88
N HIS A 61 4.50 2.47 -10.85
CA HIS A 61 3.58 2.73 -9.71
C HIS A 61 2.40 3.62 -10.15
N ARG A 62 2.55 4.36 -11.23
CA ARG A 62 1.43 5.24 -11.71
C ARG A 62 0.16 4.42 -11.95
N THR A 63 0.23 3.40 -12.78
CA THR A 63 -0.98 2.56 -13.05
C THR A 63 -1.30 1.68 -11.83
N TRP A 64 -0.29 1.27 -11.08
CA TRP A 64 -0.56 0.43 -9.88
C TRP A 64 -1.34 1.24 -8.85
N PHE A 65 -0.88 2.43 -8.51
CA PHE A 65 -1.63 3.23 -7.51
C PHE A 65 -2.97 3.70 -8.07
N CYS A 66 -3.15 3.72 -9.37
CA CYS A 66 -4.48 4.14 -9.91
C CYS A 66 -5.55 3.25 -9.30
N ALA A 67 -5.40 1.95 -9.47
CA ALA A 67 -6.39 0.98 -8.88
C ALA A 67 -6.14 0.84 -7.36
N ARG A 68 -4.95 1.15 -6.90
CA ARG A 68 -4.65 1.04 -5.44
C ARG A 68 -5.02 2.34 -4.71
N TYR A 69 -5.27 3.40 -5.44
CA TYR A 69 -5.66 4.70 -4.82
C TYR A 69 -7.08 4.58 -4.32
N ALA A 70 -7.96 4.23 -5.22
CA ALA A 70 -9.39 4.08 -4.86
C ALA A 70 -9.57 2.92 -3.89
N TRP A 71 -9.03 1.77 -4.22
CA TRP A 71 -9.18 0.60 -3.30
C TRP A 71 -8.76 0.99 -1.89
N TYR A 72 -7.57 1.50 -1.72
CA TYR A 72 -7.11 1.92 -0.35
C TYR A 72 -8.10 2.94 0.25
N CYS A 73 -8.73 3.71 -0.58
CA CYS A 73 -9.70 4.73 -0.07
C CYS A 73 -10.90 4.01 0.58
N GLN A 74 -11.68 3.37 -0.23
CA GLN A 74 -12.89 2.64 0.28
C GLN A 74 -12.54 1.64 1.40
N GLN A 75 -11.45 0.90 1.28
CA GLN A 75 -11.10 -0.08 2.35
C GLN A 75 -10.68 0.63 3.65
N MET A 76 -9.98 1.74 3.56
CA MET A 76 -9.57 2.47 4.81
C MET A 76 -10.81 3.01 5.53
N MET A 77 -11.79 3.45 4.77
CA MET A 77 -13.04 4.00 5.39
C MET A 77 -13.69 2.93 6.27
N GLN A 78 -13.64 1.68 5.86
CA GLN A 78 -14.24 0.59 6.69
C GLN A 78 -13.17 -0.09 7.57
N ALA A 79 -11.93 0.31 7.44
CA ALA A 79 -10.84 -0.30 8.28
C ALA A 79 -10.48 0.66 9.41
N ARG A 80 -10.04 1.85 9.06
CA ARG A 80 -9.67 2.89 10.09
C ARG A 80 -8.93 2.24 11.27
N GLU A 81 -7.91 1.46 10.99
CA GLU A 81 -7.14 0.78 12.08
C GLU A 81 -5.80 0.26 11.56
N LEU A 82 -4.87 -0.01 12.45
CA LEU A 82 -3.52 -0.53 12.04
C LEU A 82 -2.79 0.44 11.10
N GLU A 83 -3.09 0.42 9.82
CA GLU A 83 -2.40 1.35 8.87
C GLU A 83 -3.34 2.50 8.46
N LEU A 84 -2.97 3.72 8.80
CA LEU A 84 -3.82 4.89 8.43
C LEU A 84 -2.98 5.96 7.71
N GLU A 85 -3.44 6.43 6.58
CA GLU A 85 -2.68 7.48 5.83
C GLU A 85 -3.62 8.65 5.50
N HIS A 86 -3.53 9.72 6.26
CA HIS A 86 -4.40 10.92 6.02
C HIS A 86 -5.89 10.51 6.09
#